data_2RJY
# 
_entry.id   2RJY 
# 
_audit_conform.dict_name       mmcif_pdbx.dic 
_audit_conform.dict_version    5.377 
_audit_conform.dict_location   http://mmcif.pdb.org/dictionaries/ascii/mmcif_pdbx.dic 
# 
loop_
_database_2.database_id 
_database_2.database_code 
_database_2.pdbx_database_accession 
_database_2.pdbx_DOI 
PDB   2RJY         pdb_00002rjy 10.2210/pdb2rjy/pdb 
RCSB  RCSB044950   ?            ?                   
WWPDB D_1000044950 ?            ?                   
# 
loop_
_pdbx_database_related.db_name 
_pdbx_database_related.db_id 
_pdbx_database_related.details 
_pdbx_database_related.content_type 
PDB 1yu5 'Crystal Structure of the Headpiece Domain of Chicken Villin'                     unspecified 
PDB 1yu7 'Crystal Structure of the W64Y mutant of Villin Headpiece'                        unspecified 
PDB 1YU8 'Crystal Structure of the R37A Mutant of Villin Headpiece'                        unspecified 
PDB 2RJV 'Crystal structure of the H41Y mutant of villin headpiece, P21 21 21 Space group' unspecified 
PDB 2RJW 'Crystal structure of the H41Y mutant of villin headpiece, P61 space group'       unspecified 
PDB 2RJX 'Crystal structure of the headpiece domain of chicken villin, P61 space group'    unspecified 
PDB 2RJY 'Crystal structure of villin headpiece, P21 21 21 space group'                    unspecified 
# 
_pdbx_database_status.status_code                     REL 
_pdbx_database_status.entry_id                        2RJY 
_pdbx_database_status.recvd_initial_deposition_date   2007-10-16 
_pdbx_database_status.deposit_site                    RCSB 
_pdbx_database_status.process_site                    RCSB 
_pdbx_database_status.status_code_sf                  REL 
_pdbx_database_status.status_code_mr                  ? 
_pdbx_database_status.SG_entry                        ? 
_pdbx_database_status.pdb_format_compatible           Y 
_pdbx_database_status.status_code_cs                  ? 
_pdbx_database_status.status_code_nmr_data            ? 
_pdbx_database_status.methods_development_category    ? 
# 
loop_
_audit_author.name 
_audit_author.pdbx_ordinal 
'Meng, J.'       1 
'McKnight, C.J.' 2 
# 
_citation.id                        primary 
_citation.title                     'Crystal structure of a pH-stabilized mutant of villin headpiece.' 
_citation.journal_abbrev            Biochemistry 
_citation.journal_volume            47 
_citation.page_first                4644 
_citation.page_last                 4650 
_citation.year                      2008 
_citation.journal_id_ASTM           BICHAW 
_citation.country                   US 
_citation.journal_id_ISSN           0006-2960 
_citation.journal_id_CSD            0033 
_citation.book_publisher            ? 
_citation.pdbx_database_id_PubMed   18370407 
_citation.pdbx_database_id_DOI      10.1021/bi7022738 
# 
loop_
_citation_author.citation_id 
_citation_author.name 
_citation_author.ordinal 
_citation_author.identifier_ORCID 
primary 'Meng, J.'       1 ? 
primary 'McKnight, C.J.' 2 ? 
# 
_cell.entry_id           2RJY 
_cell.length_a           31.212 
_cell.length_b           37.780 
_cell.length_c           53.147 
_cell.angle_alpha        90.00 
_cell.angle_beta         90.00 
_cell.angle_gamma        90.00 
_cell.Z_PDB              4 
_cell.pdbx_unique_axis   ? 
_cell.length_a_esd       ? 
_cell.length_b_esd       ? 
_cell.length_c_esd       ? 
_cell.angle_alpha_esd    ? 
_cell.angle_beta_esd     ? 
_cell.angle_gamma_esd    ? 
# 
_symmetry.entry_id                         2RJY 
_symmetry.space_group_name_H-M             'P 21 21 21' 
_symmetry.pdbx_full_space_group_name_H-M   ? 
_symmetry.cell_setting                     ? 
_symmetry.Int_Tables_number                19 
_symmetry.space_group_name_Hall            ? 
# 
loop_
_entity.id 
_entity.type 
_entity.src_method 
_entity.pdbx_description 
_entity.formula_weight 
_entity.pdbx_number_of_molecules 
_entity.pdbx_ec 
_entity.pdbx_mutation 
_entity.pdbx_fragment 
_entity.details 
1 polymer man Villin-1 7611.663 1  ? ? 'VILLIN HEADPIECE' ? 
2 water   nat water    18.015   82 ? ? ?                  ? 
# 
_entity_poly.entity_id                      1 
_entity_poly.type                           'polypeptide(L)' 
_entity_poly.nstd_linkage                   no 
_entity_poly.nstd_monomer                   no 
_entity_poly.pdbx_seq_one_letter_code       PTKLETFPLDVLVNTAAEDLPRGVDPSRKENHLSDEDFKAVFGMTRSAFANLPLWKQQNLKKEKGLF 
_entity_poly.pdbx_seq_one_letter_code_can   PTKLETFPLDVLVNTAAEDLPRGVDPSRKENHLSDEDFKAVFGMTRSAFANLPLWKQQNLKKEKGLF 
_entity_poly.pdbx_strand_id                 A 
_entity_poly.pdbx_target_identifier         ? 
# 
loop_
_entity_poly_seq.entity_id 
_entity_poly_seq.num 
_entity_poly_seq.mon_id 
_entity_poly_seq.hetero 
1 1  PRO n 
1 2  THR n 
1 3  LYS n 
1 4  LEU n 
1 5  GLU n 
1 6  THR n 
1 7  PHE n 
1 8  PRO n 
1 9  LEU n 
1 10 ASP n 
1 11 VAL n 
1 12 LEU n 
1 13 VAL n 
1 14 ASN n 
1 15 THR n 
1 16 ALA n 
1 17 ALA n 
1 18 GLU n 
1 19 ASP n 
1 20 LEU n 
1 21 PRO n 
1 22 ARG n 
1 23 GLY n 
1 24 VAL n 
1 25 ASP n 
1 26 PRO n 
1 27 SER n 
1 28 ARG n 
1 29 LYS n 
1 30 GLU n 
1 31 ASN n 
1 32 HIS n 
1 33 LEU n 
1 34 SER n 
1 35 ASP n 
1 36 GLU n 
1 37 ASP n 
1 38 PHE n 
1 39 LYS n 
1 40 ALA n 
1 41 VAL n 
1 42 PHE n 
1 43 GLY n 
1 44 MET n 
1 45 THR n 
1 46 ARG n 
1 47 SER n 
1 48 ALA n 
1 49 PHE n 
1 50 ALA n 
1 51 ASN n 
1 52 LEU n 
1 53 PRO n 
1 54 LEU n 
1 55 TRP n 
1 56 LYS n 
1 57 GLN n 
1 58 GLN n 
1 59 ASN n 
1 60 LEU n 
1 61 LYS n 
1 62 LYS n 
1 63 GLU n 
1 64 LYS n 
1 65 GLY n 
1 66 LEU n 
1 67 PHE n 
# 
_entity_src_gen.entity_id                          1 
_entity_src_gen.pdbx_src_id                        1 
_entity_src_gen.pdbx_alt_source_flag               sample 
_entity_src_gen.pdbx_seq_type                      ? 
_entity_src_gen.pdbx_beg_seq_num                   ? 
_entity_src_gen.pdbx_end_seq_num                   ? 
_entity_src_gen.gene_src_common_name               Chicken 
_entity_src_gen.gene_src_genus                     ? 
_entity_src_gen.pdbx_gene_src_gene                 'VIL1, VIL' 
_entity_src_gen.gene_src_species                   ? 
_entity_src_gen.gene_src_strain                    ? 
_entity_src_gen.gene_src_tissue                    ? 
_entity_src_gen.gene_src_tissue_fraction           ? 
_entity_src_gen.gene_src_details                   ? 
_entity_src_gen.pdbx_gene_src_fragment             ? 
_entity_src_gen.pdbx_gene_src_scientific_name      'Gallus gallus' 
_entity_src_gen.pdbx_gene_src_ncbi_taxonomy_id     ? 
_entity_src_gen.pdbx_gene_src_variant              ? 
_entity_src_gen.pdbx_gene_src_cell_line            ? 
_entity_src_gen.pdbx_gene_src_atcc                 ? 
_entity_src_gen.pdbx_gene_src_organ                ? 
_entity_src_gen.pdbx_gene_src_organelle            ? 
_entity_src_gen.pdbx_gene_src_cell                 ? 
_entity_src_gen.pdbx_gene_src_cellular_location    ? 
_entity_src_gen.host_org_common_name               ? 
_entity_src_gen.pdbx_host_org_scientific_name      'ESCHERICHIA COLI' 
_entity_src_gen.pdbx_host_org_ncbi_taxonomy_id     ? 
_entity_src_gen.host_org_genus                     ? 
_entity_src_gen.pdbx_host_org_gene                 ? 
_entity_src_gen.pdbx_host_org_organ                ? 
_entity_src_gen.host_org_species                   ? 
_entity_src_gen.pdbx_host_org_tissue               ? 
_entity_src_gen.pdbx_host_org_tissue_fraction      ? 
_entity_src_gen.pdbx_host_org_strain               'BL21(DE3)' 
_entity_src_gen.pdbx_host_org_variant              ? 
_entity_src_gen.pdbx_host_org_cell_line            ? 
_entity_src_gen.pdbx_host_org_atcc                 ? 
_entity_src_gen.pdbx_host_org_culture_collection   ? 
_entity_src_gen.pdbx_host_org_cell                 ? 
_entity_src_gen.pdbx_host_org_organelle            ? 
_entity_src_gen.pdbx_host_org_cellular_location    ? 
_entity_src_gen.pdbx_host_org_vector_type          PET24A 
_entity_src_gen.pdbx_host_org_vector               ? 
_entity_src_gen.host_org_details                   ? 
_entity_src_gen.expression_system_id               ? 
_entity_src_gen.plasmid_name                       PVHP 
_entity_src_gen.plasmid_details                    ? 
_entity_src_gen.pdbx_description                   ? 
# 
_struct_ref.id                         1 
_struct_ref.db_name                    UNP 
_struct_ref.db_code                    VILI_CHICK 
_struct_ref.pdbx_db_accession          P02640 
_struct_ref.entity_id                  1 
_struct_ref.pdbx_seq_one_letter_code   PTKLETFPLDVLVNTAAEDLPRGVDPSRKENHLSDEDFKAVFGMTRSAFANLPLWKQQNLKKEKGLF 
_struct_ref.pdbx_align_begin           760 
_struct_ref.pdbx_db_isoform            ? 
# 
_struct_ref_seq.align_id                      1 
_struct_ref_seq.ref_id                        1 
_struct_ref_seq.pdbx_PDB_id_code              2RJY 
_struct_ref_seq.pdbx_strand_id                A 
_struct_ref_seq.seq_align_beg                 1 
_struct_ref_seq.pdbx_seq_align_beg_ins_code   ? 
_struct_ref_seq.seq_align_end                 67 
_struct_ref_seq.pdbx_seq_align_end_ins_code   ? 
_struct_ref_seq.pdbx_db_accession             P02640 
_struct_ref_seq.db_align_beg                  760 
_struct_ref_seq.pdbx_db_align_beg_ins_code    ? 
_struct_ref_seq.db_align_end                  826 
_struct_ref_seq.pdbx_db_align_end_ins_code    ? 
_struct_ref_seq.pdbx_auth_seq_align_beg       10 
_struct_ref_seq.pdbx_auth_seq_align_end       76 
# 
loop_
_chem_comp.id 
_chem_comp.type 
_chem_comp.mon_nstd_flag 
_chem_comp.name 
_chem_comp.pdbx_synonyms 
_chem_comp.formula 
_chem_comp.formula_weight 
ALA 'L-peptide linking' y ALANINE         ? 'C3 H7 N O2'     89.093  
ARG 'L-peptide linking' y ARGININE        ? 'C6 H15 N4 O2 1' 175.209 
ASN 'L-peptide linking' y ASPARAGINE      ? 'C4 H8 N2 O3'    132.118 
ASP 'L-peptide linking' y 'ASPARTIC ACID' ? 'C4 H7 N O4'     133.103 
GLN 'L-peptide linking' y GLUTAMINE       ? 'C5 H10 N2 O3'   146.144 
GLU 'L-peptide linking' y 'GLUTAMIC ACID' ? 'C5 H9 N O4'     147.129 
GLY 'peptide linking'   y GLYCINE         ? 'C2 H5 N O2'     75.067  
HIS 'L-peptide linking' y HISTIDINE       ? 'C6 H10 N3 O2 1' 156.162 
HOH non-polymer         . WATER           ? 'H2 O'           18.015  
LEU 'L-peptide linking' y LEUCINE         ? 'C6 H13 N O2'    131.173 
LYS 'L-peptide linking' y LYSINE          ? 'C6 H15 N2 O2 1' 147.195 
MET 'L-peptide linking' y METHIONINE      ? 'C5 H11 N O2 S'  149.211 
PHE 'L-peptide linking' y PHENYLALANINE   ? 'C9 H11 N O2'    165.189 
PRO 'L-peptide linking' y PROLINE         ? 'C5 H9 N O2'     115.130 
SER 'L-peptide linking' y SERINE          ? 'C3 H7 N O3'     105.093 
THR 'L-peptide linking' y THREONINE       ? 'C4 H9 N O3'     119.119 
TRP 'L-peptide linking' y TRYPTOPHAN      ? 'C11 H12 N2 O2'  204.225 
VAL 'L-peptide linking' y VALINE          ? 'C5 H11 N O2'    117.146 
# 
_exptl.entry_id          2RJY 
_exptl.method            'X-RAY DIFFRACTION' 
_exptl.crystals_number   1 
# 
_exptl_crystal.id                    1 
_exptl_crystal.density_meas          ? 
_exptl_crystal.density_Matthews      2.06 
_exptl_crystal.density_percent_sol   40.32 
_exptl_crystal.description           ? 
_exptl_crystal.F_000                 ? 
_exptl_crystal.preparation           ? 
# 
_exptl_crystal_grow.crystal_id      1 
_exptl_crystal_grow.method          'VAPOR DIFFUSION, HANGING DROP' 
_exptl_crystal_grow.temp            298 
_exptl_crystal_grow.temp_details    ? 
_exptl_crystal_grow.pH              6.50 
_exptl_crystal_grow.pdbx_details    'PEG 8000, pH 6.50, VAPOR DIFFUSION, HANGING DROP, temperature 298K' 
_exptl_crystal_grow.pdbx_pH_range   ? 
# 
_diffrn.id                     1 
_diffrn.ambient_temp           95.0 
_diffrn.ambient_temp_details   ? 
_diffrn.crystal_id             1 
# 
_diffrn_detector.diffrn_id              1 
_diffrn_detector.detector               'IMAGE PLATE' 
_diffrn_detector.type                   'RIGAKU RAXIS IV' 
_diffrn_detector.pdbx_collection_date   2004-06-10 
_diffrn_detector.details                ? 
# 
_diffrn_radiation.diffrn_id                        1 
_diffrn_radiation.wavelength_id                    1 
_diffrn_radiation.pdbx_monochromatic_or_laue_m_l   M 
_diffrn_radiation.monochromator                    ? 
_diffrn_radiation.pdbx_diffrn_protocol             'SINGLE WAVELENGTH' 
_diffrn_radiation.pdbx_scattering_type             x-ray 
# 
_diffrn_radiation_wavelength.id           1 
_diffrn_radiation_wavelength.wavelength   1.5418 
_diffrn_radiation_wavelength.wt           1.0 
# 
_diffrn_source.diffrn_id                   1 
_diffrn_source.source                      'ROTATING ANODE' 
_diffrn_source.type                        'RIGAKU RU300' 
_diffrn_source.pdbx_synchrotron_site       ? 
_diffrn_source.pdbx_synchrotron_beamline   ? 
_diffrn_source.pdbx_wavelength             ? 
_diffrn_source.pdbx_wavelength_list        1.5418 
# 
_reflns.entry_id                     2RJY 
_reflns.observed_criterion_sigma_I   0.000 
_reflns.observed_criterion_sigma_F   ? 
_reflns.d_resolution_low             100.000 
_reflns.d_resolution_high            1.400 
_reflns.number_obs                   12685 
_reflns.number_all                   ? 
_reflns.percent_possible_obs         97.7 
_reflns.pdbx_Rmerge_I_obs            ? 
_reflns.pdbx_Rsym_value              0.044 
_reflns.pdbx_netI_over_sigmaI        34.3000 
_reflns.B_iso_Wilson_estimate        20.40 
_reflns.pdbx_redundancy              6.100 
_reflns.R_free_details               ? 
_reflns.limit_h_max                  ? 
_reflns.limit_h_min                  ? 
_reflns.limit_k_max                  ? 
_reflns.limit_k_min                  ? 
_reflns.limit_l_max                  ? 
_reflns.limit_l_min                  ? 
_reflns.observed_criterion_F_max     ? 
_reflns.observed_criterion_F_min     ? 
_reflns.pdbx_chi_squared             ? 
_reflns.pdbx_scaling_rejects         ? 
_reflns.pdbx_diffrn_id               1 
_reflns.pdbx_ordinal                 1 
# 
_reflns_shell.d_res_high             1.40 
_reflns_shell.d_res_low              1.45 
_reflns_shell.percent_possible_all   92.5 
_reflns_shell.Rmerge_I_obs           ? 
_reflns_shell.pdbx_Rsym_value        0.185 
_reflns_shell.meanI_over_sigI_obs    5.600 
_reflns_shell.pdbx_redundancy        3.80 
_reflns_shell.percent_possible_obs   ? 
_reflns_shell.number_unique_all      ? 
_reflns_shell.number_measured_all    ? 
_reflns_shell.number_measured_obs    ? 
_reflns_shell.number_unique_obs      ? 
_reflns_shell.pdbx_chi_squared       ? 
_reflns_shell.pdbx_diffrn_id         ? 
_reflns_shell.pdbx_ordinal           1 
# 
_refine.entry_id                                 2RJY 
_refine.ls_number_reflns_obs                     12627 
_refine.ls_number_reflns_all                     ? 
_refine.pdbx_ls_sigma_I                          ? 
_refine.pdbx_ls_sigma_F                          0.000 
_refine.pdbx_data_cutoff_high_absF               419662.750 
_refine.pdbx_data_cutoff_low_absF                0.0000 
_refine.pdbx_data_cutoff_high_rms_absF           ? 
_refine.ls_d_res_low                             13.46 
_refine.ls_d_res_high                            1.40 
_refine.ls_percent_reflns_obs                    98.0 
_refine.ls_R_factor_obs                          0.209 
_refine.ls_R_factor_all                          ? 
_refine.ls_R_factor_R_work                       0.209 
_refine.ls_R_factor_R_free                       0.233 
_refine.ls_R_factor_R_free_error                 0.007 
_refine.ls_R_factor_R_free_error_details         ? 
_refine.ls_percent_reflns_R_free                 8.100 
_refine.ls_number_reflns_R_free                  1027 
_refine.ls_number_parameters                     ? 
_refine.ls_number_restraints                     ? 
_refine.occupancy_min                            ? 
_refine.occupancy_max                            ? 
_refine.correlation_coeff_Fo_to_Fc               ? 
_refine.correlation_coeff_Fo_to_Fc_free          ? 
_refine.B_iso_mean                               17.20 
_refine.aniso_B[1][1]                            -1.46000 
_refine.aniso_B[2][2]                            0.94000 
_refine.aniso_B[3][3]                            0.52000 
_refine.aniso_B[1][2]                            0.00000 
_refine.aniso_B[1][3]                            0.00000 
_refine.aniso_B[2][3]                            0.00000 
_refine.solvent_model_details                    'FLAT MODEL' 
_refine.solvent_model_param_ksol                 0.43 
_refine.solvent_model_param_bsol                 55.58 
_refine.pdbx_solvent_vdw_probe_radii             ? 
_refine.pdbx_solvent_ion_probe_radii             ? 
_refine.pdbx_solvent_shrinkage_radii             ? 
_refine.pdbx_ls_cross_valid_method               THROUGHOUT 
_refine.details                                  ? 
_refine.pdbx_starting_model                      'CRYSTAL STRUCTURE OF HP67, PDB ID: 1YU5' 
_refine.pdbx_method_to_determine_struct          'MOLECULAR REPLACEMENT' 
_refine.pdbx_isotropic_thermal_model             RESTRAINED 
_refine.pdbx_stereochemistry_target_values       'ENGH & HUBER' 
_refine.pdbx_stereochem_target_val_spec_case     ? 
_refine.pdbx_R_Free_selection_details            RANDOM 
_refine.pdbx_overall_ESU_R                       ? 
_refine.pdbx_overall_ESU_R_Free                  ? 
_refine.overall_SU_ML                            ? 
_refine.overall_SU_B                             ? 
_refine.ls_redundancy_reflns_obs                 ? 
_refine.B_iso_min                                ? 
_refine.B_iso_max                                ? 
_refine.overall_SU_R_Cruickshank_DPI             ? 
_refine.overall_SU_R_free                        ? 
_refine.ls_wR_factor_R_free                      ? 
_refine.ls_wR_factor_R_work                      ? 
_refine.overall_FOM_free_R_set                   ? 
_refine.overall_FOM_work_R_set                   ? 
_refine.pdbx_overall_phase_error                 ? 
_refine.pdbx_refine_id                           'X-RAY DIFFRACTION' 
_refine.pdbx_diffrn_id                           1 
_refine.pdbx_TLS_residual_ADP_flag               ? 
_refine.pdbx_overall_SU_R_free_Cruickshank_DPI   ? 
_refine.pdbx_overall_SU_R_Blow_DPI               ? 
_refine.pdbx_overall_SU_R_free_Blow_DPI          ? 
# 
_refine_analyze.entry_id                        2RJY 
_refine_analyze.Luzzati_coordinate_error_obs    0.19 
_refine_analyze.Luzzati_sigma_a_obs             0.05 
_refine_analyze.Luzzati_d_res_low_obs           5.00 
_refine_analyze.Luzzati_coordinate_error_free   0.21 
_refine_analyze.Luzzati_sigma_a_free            0.09 
_refine_analyze.Luzzati_d_res_low_free          ? 
_refine_analyze.number_disordered_residues      ? 
_refine_analyze.occupancy_sum_hydrogen          ? 
_refine_analyze.occupancy_sum_non_hydrogen      ? 
_refine_analyze.pdbx_Luzzati_d_res_high_obs     ? 
_refine_analyze.pdbx_refine_id                  'X-RAY DIFFRACTION' 
# 
_refine_hist.pdbx_refine_id                   'X-RAY DIFFRACTION' 
_refine_hist.cycle_id                         LAST 
_refine_hist.pdbx_number_atoms_protein        514 
_refine_hist.pdbx_number_atoms_nucleic_acid   0 
_refine_hist.pdbx_number_atoms_ligand         0 
_refine_hist.number_atoms_solvent             82 
_refine_hist.number_atoms_total               596 
_refine_hist.d_res_high                       1.40 
_refine_hist.d_res_low                        13.46 
# 
loop_
_refine_ls_restr.type 
_refine_ls_restr.dev_ideal 
_refine_ls_restr.dev_ideal_target 
_refine_ls_restr.weight 
_refine_ls_restr.number 
_refine_ls_restr.pdbx_refine_id 
_refine_ls_restr.pdbx_restraint_function 
c_bond_d                0.008 ? ? ? 'X-RAY DIFFRACTION' ? 
c_bond_d_na             ?     ? ? ? 'X-RAY DIFFRACTION' ? 
c_bond_d_prot           ?     ? ? ? 'X-RAY DIFFRACTION' ? 
c_angle_d               ?     ? ? ? 'X-RAY DIFFRACTION' ? 
c_angle_d_na            ?     ? ? ? 'X-RAY DIFFRACTION' ? 
c_angle_d_prot          ?     ? ? ? 'X-RAY DIFFRACTION' ? 
c_angle_deg             1.40  ? ? ? 'X-RAY DIFFRACTION' ? 
c_angle_deg_na          ?     ? ? ? 'X-RAY DIFFRACTION' ? 
c_angle_deg_prot        ?     ? ? ? 'X-RAY DIFFRACTION' ? 
c_dihedral_angle_d      21.00 ? ? ? 'X-RAY DIFFRACTION' ? 
c_dihedral_angle_d_na   ?     ? ? ? 'X-RAY DIFFRACTION' ? 
c_dihedral_angle_d_prot ?     ? ? ? 'X-RAY DIFFRACTION' ? 
c_improper_angle_d      0.85  ? ? ? 'X-RAY DIFFRACTION' ? 
c_improper_angle_d_na   ?     ? ? ? 'X-RAY DIFFRACTION' ? 
c_improper_angle_d_prot ?     ? ? ? 'X-RAY DIFFRACTION' ? 
c_mcbond_it             ?     ? ? ? 'X-RAY DIFFRACTION' ? 
c_mcangle_it            ?     ? ? ? 'X-RAY DIFFRACTION' ? 
c_scbond_it             ?     ? ? ? 'X-RAY DIFFRACTION' ? 
c_scangle_it            ?     ? ? ? 'X-RAY DIFFRACTION' ? 
# 
_refine_ls_shell.pdbx_total_number_of_bins_used   6 
_refine_ls_shell.d_res_high                       1.40 
_refine_ls_shell.d_res_low                        1.49 
_refine_ls_shell.number_reflns_R_work             1840 
_refine_ls_shell.R_factor_R_work                  0.476 
_refine_ls_shell.percent_reflns_obs               95.90 
_refine_ls_shell.R_factor_R_free                  0.508 
_refine_ls_shell.R_factor_R_free_error            0.039 
_refine_ls_shell.percent_reflns_R_free            8.50 
_refine_ls_shell.number_reflns_R_free             172 
_refine_ls_shell.number_reflns_all                ? 
_refine_ls_shell.R_factor_all                     ? 
_refine_ls_shell.number_reflns_obs                ? 
_refine_ls_shell.redundancy_reflns_obs            ? 
_refine_ls_shell.pdbx_refine_id                   'X-RAY DIFFRACTION' 
# 
loop_
_pdbx_xplor_file.serial_no 
_pdbx_xplor_file.param_file 
_pdbx_xplor_file.topol_file 
_pdbx_xplor_file.pdbx_refine_id 
1 PROTEIN_REP.PARAM PROTEIN.TOP 'X-RAY DIFFRACTION' 
2 WATER_REP.PARAM   ?           'X-RAY DIFFRACTION' 
# 
_struct.entry_id                  2RJY 
_struct.title                     'Crystal structure of villin headpiece, P21 21 21 space group' 
_struct.pdbx_model_details        ? 
_struct.pdbx_CASP_flag            ? 
_struct.pdbx_model_type_details   ? 
# 
_struct_keywords.entry_id        2RJY 
_struct_keywords.pdbx_keywords   'STRUCTURAL PROTEIN' 
_struct_keywords.text            'HELIX, Actin capping, Actin-binding, Calcium, Cytoplasm, Cytoskeleton, STRUCTURAL PROTEIN' 
# 
loop_
_struct_asym.id 
_struct_asym.pdbx_blank_PDB_chainid_flag 
_struct_asym.pdbx_modified 
_struct_asym.entity_id 
_struct_asym.details 
A N N 1 ? 
B N N 2 ? 
# 
_struct_biol.id        1 
_struct_biol.details   ? 
# 
loop_
_struct_conf.conf_type_id 
_struct_conf.id 
_struct_conf.pdbx_PDB_helix_id 
_struct_conf.beg_label_comp_id 
_struct_conf.beg_label_asym_id 
_struct_conf.beg_label_seq_id 
_struct_conf.pdbx_beg_PDB_ins_code 
_struct_conf.end_label_comp_id 
_struct_conf.end_label_asym_id 
_struct_conf.end_label_seq_id 
_struct_conf.pdbx_end_PDB_ins_code 
_struct_conf.beg_auth_comp_id 
_struct_conf.beg_auth_asym_id 
_struct_conf.beg_auth_seq_id 
_struct_conf.end_auth_comp_id 
_struct_conf.end_auth_asym_id 
_struct_conf.end_auth_seq_id 
_struct_conf.pdbx_PDB_helix_class 
_struct_conf.details 
_struct_conf.pdbx_PDB_helix_length 
HELX_P HELX_P1 1 PRO A 8  ? ASN A 14 ? PRO A 17 ASN A 23 1 ? 7  
HELX_P HELX_P2 2 ALA A 16 ? LEU A 20 ? ALA A 25 LEU A 29 5 ? 5  
HELX_P HELX_P3 3 ARG A 28 ? LEU A 33 ? ARG A 37 LEU A 42 5 ? 6  
HELX_P HELX_P4 4 SER A 34 ? GLY A 43 ? SER A 43 GLY A 52 1 ? 10 
HELX_P HELX_P5 5 THR A 45 ? ASN A 51 ? THR A 54 ASN A 60 1 ? 7  
HELX_P HELX_P6 6 PRO A 53 ? LYS A 64 ? PRO A 62 LYS A 73 1 ? 12 
# 
_struct_conf_type.id          HELX_P 
_struct_conf_type.criteria    ? 
_struct_conf_type.reference   ? 
# 
_atom_sites.entry_id                    2RJY 
_atom_sites.fract_transf_matrix[1][1]   -0.00333690 
_atom_sites.fract_transf_matrix[1][2]   -0.00651655 
_atom_sites.fract_transf_matrix[1][3]   0.03119130 
_atom_sites.fract_transf_matrix[2][1]   -0.00813688 
_atom_sites.fract_transf_matrix[2][2]   -0.02446658 
_atom_sites.fract_transf_matrix[2][3]   -0.00598210 
_atom_sites.fract_transf_matrix[3][1]   0.01779730 
_atom_sites.fract_transf_matrix[3][2]   -0.00607412 
_atom_sites.fract_transf_matrix[3][3]   0.00063497 
_atom_sites.fract_transf_vector[1]      0.322882 
_atom_sites.fract_transf_vector[2]      0.407533 
_atom_sites.fract_transf_vector[3]      0.390117 
# 
loop_
_atom_type.symbol 
C 
N 
O 
S 
# 
loop_
_atom_site.group_PDB 
_atom_site.id 
_atom_site.type_symbol 
_atom_site.label_atom_id 
_atom_site.label_alt_id 
_atom_site.label_comp_id 
_atom_site.label_asym_id 
_atom_site.label_entity_id 
_atom_site.label_seq_id 
_atom_site.pdbx_PDB_ins_code 
_atom_site.Cartn_x 
_atom_site.Cartn_y 
_atom_site.Cartn_z 
_atom_site.occupancy 
_atom_site.B_iso_or_equiv 
_atom_site.pdbx_formal_charge 
_atom_site.auth_seq_id 
_atom_site.auth_comp_id 
_atom_site.auth_asym_id 
_atom_site.auth_atom_id 
_atom_site.pdbx_PDB_model_num 
ATOM   1   N N   . LEU A 1 4  ? -5.428  -11.795 -1.368  1.00 34.67 ? 13  LEU A N   1 
ATOM   2   C CA  . LEU A 1 4  ? -5.756  -10.677 -2.300  1.00 33.08 ? 13  LEU A CA  1 
ATOM   3   C C   . LEU A 1 4  ? -4.707  -10.574 -3.416  1.00 32.13 ? 13  LEU A C   1 
ATOM   4   O O   . LEU A 1 4  ? -3.542  -10.933 -3.217  1.00 32.36 ? 13  LEU A O   1 
ATOM   5   C CB  . LEU A 1 4  ? -5.823  -9.358  -1.520  1.00 34.61 ? 13  LEU A CB  1 
ATOM   6   C CG  . LEU A 1 4  ? -6.776  -9.294  -0.316  1.00 36.64 ? 13  LEU A CG  1 
ATOM   7   C CD1 . LEU A 1 4  ? -6.566  -7.988  0.446   1.00 36.89 ? 13  LEU A CD1 1 
ATOM   8   C CD2 . LEU A 1 4  ? -8.220  -9.413  -0.787  1.00 37.23 ? 13  LEU A CD2 1 
ATOM   9   N N   . GLU A 1 5  ? -5.133  -10.098 -4.587  1.00 28.87 ? 14  GLU A N   1 
ATOM   10  C CA  . GLU A 1 5  ? -4.259  -9.921  -5.749  1.00 26.79 ? 14  GLU A CA  1 
ATOM   11  C C   . GLU A 1 5  ? -3.140  -8.915  -5.459  1.00 24.84 ? 14  GLU A C   1 
ATOM   12  O O   . GLU A 1 5  ? -3.367  -7.902  -4.794  1.00 23.82 ? 14  GLU A O   1 
ATOM   13  C CB  . GLU A 1 5  ? -5.068  -9.405  -6.945  1.00 26.47 ? 14  GLU A CB  1 
ATOM   14  C CG  . GLU A 1 5  ? -6.179  -10.335 -7.440  1.00 27.58 ? 14  GLU A CG  1 
ATOM   15  C CD  . GLU A 1 5  ? -7.014  -9.702  -8.538  1.00 28.31 ? 14  GLU A CD  1 
ATOM   16  O OE1 . GLU A 1 5  ? -6.431  -9.258  -9.548  1.00 28.73 ? 14  GLU A OE1 1 
ATOM   17  O OE2 . GLU A 1 5  ? -8.261  -9.646  -8.398  1.00 28.42 ? 14  GLU A OE2 1 
ATOM   18  N N   . THR A 1 6  ? -1.939  -9.185  -5.961  1.00 22.01 ? 15  THR A N   1 
ATOM   19  C CA  . THR A 1 6  ? -0.827  -8.257  -5.750  1.00 20.03 ? 15  THR A CA  1 
ATOM   20  C C   . THR A 1 6  ? -0.395  -7.618  -7.067  1.00 19.44 ? 15  THR A C   1 
ATOM   21  O O   . THR A 1 6  ? -0.594  -8.185  -8.142  1.00 19.49 ? 15  THR A O   1 
ATOM   22  C CB  . THR A 1 6  ? 0.373   -8.956  -5.117  1.00 22.11 ? 15  THR A CB  1 
ATOM   23  O OG1 . THR A 1 6  ? 0.831   -9.991  -5.986  1.00 24.49 ? 15  THR A OG1 1 
ATOM   24  C CG2 . THR A 1 6  ? -0.017  -9.570  -3.785  1.00 22.86 ? 15  THR A CG2 1 
ATOM   25  N N   . PHE A 1 7  ? 0.194   -6.429  -6.978  1.00 16.14 ? 16  PHE A N   1 
ATOM   26  C CA  . PHE A 1 7  ? 0.645   -5.689  -8.149  1.00 16.65 ? 16  PHE A CA  1 
ATOM   27  C C   . PHE A 1 7  ? 1.943   -4.980  -7.819  1.00 15.99 ? 16  PHE A C   1 
ATOM   28  O O   . PHE A 1 7  ? 2.214   -4.689  -6.654  1.00 15.65 ? 16  PHE A O   1 
ATOM   29  C CB  . PHE A 1 7  ? -0.403  -4.648  -8.557  1.00 16.70 ? 16  PHE A CB  1 
ATOM   30  C CG  . PHE A 1 7  ? -1.717  -5.255  -8.955  1.00 18.61 ? 16  PHE A CG  1 
ATOM   31  C CD1 . PHE A 1 7  ? -2.685  -5.536  -8.001  1.00 20.74 ? 16  PHE A CD1 1 
ATOM   32  C CD2 . PHE A 1 7  ? -1.954  -5.599  -10.281 1.00 21.10 ? 16  PHE A CD2 1 
ATOM   33  C CE1 . PHE A 1 7  ? -3.881  -6.152  -8.362  1.00 21.94 ? 16  PHE A CE1 1 
ATOM   34  C CE2 . PHE A 1 7  ? -3.144  -6.217  -10.651 1.00 22.27 ? 16  PHE A CE2 1 
ATOM   35  C CZ  . PHE A 1 7  ? -4.107  -6.491  -9.685  1.00 22.21 ? 16  PHE A CZ  1 
ATOM   36  N N   . PRO A 1 8  ? 2.766   -4.694  -8.838  1.00 15.25 ? 17  PRO A N   1 
ATOM   37  C CA  . PRO A 1 8  ? 4.035   -4.000  -8.594  1.00 15.06 ? 17  PRO A CA  1 
ATOM   38  C C   . PRO A 1 8  ? 3.800   -2.650  -7.922  1.00 14.05 ? 17  PRO A C   1 
ATOM   39  O O   . PRO A 1 8  ? 2.781   -1.970  -8.152  1.00 13.51 ? 17  PRO A O   1 
ATOM   40  C CB  . PRO A 1 8  ? 4.616   -3.822  -9.996  1.00 16.49 ? 17  PRO A CB  1 
ATOM   41  C CG  . PRO A 1 8  ? 4.061   -5.018  -10.735 1.00 17.97 ? 17  PRO A CG  1 
ATOM   42  C CD  . PRO A 1 8  ? 2.628   -5.056  -10.259 1.00 16.26 ? 17  PRO A CD  1 
ATOM   43  N N   . LEU A 1 9  ? 4.769   -2.260  -7.100  1.00 12.71 ? 18  LEU A N   1 
ATOM   44  C CA  . LEU A 1 9  ? 4.712   -0.991  -6.409  1.00 11.93 ? 18  LEU A CA  1 
ATOM   45  C C   . LEU A 1 9  ? 4.431   0.160   -7.356  1.00 11.53 ? 18  LEU A C   1 
ATOM   46  O O   . LEU A 1 9  ? 3.594   0.996   -7.077  1.00 12.26 ? 18  LEU A O   1 
ATOM   47  C CB  . LEU A 1 9  ? 6.036   -0.739  -5.694  1.00 13.17 ? 18  LEU A CB  1 
ATOM   48  C CG  . LEU A 1 9  ? 6.161   0.649   -5.071  1.00 12.55 ? 18  LEU A CG  1 
ATOM   49  C CD1 . LEU A 1 9  ? 5.134   0.871   -3.963  1.00 14.01 ? 18  LEU A CD1 1 
ATOM   50  C CD2 . LEU A 1 9  ? 7.578   0.802   -4.523  1.00 13.18 ? 18  LEU A CD2 1 
ATOM   51  N N   . ASP A 1 10 ? 5.128   0.191   -8.489  1.00 12.22 ? 19  ASP A N   1 
ATOM   52  C CA  . ASP A 1 10 ? 4.948   1.299   -9.411  1.00 12.02 ? 19  ASP A CA  1 
ATOM   53  C C   . ASP A 1 10 ? 3.526   1.413   -9.947  1.00 12.67 ? 19  ASP A C   1 
ATOM   54  O O   . ASP A 1 10 ? 3.042   2.501   -10.207 1.00 12.71 ? 19  ASP A O   1 
ATOM   55  C CB  . ASP A 1 10 ? 5.956   1.190   -10.568 1.00 12.78 ? 19  ASP A CB  1 
ATOM   56  C CG  . ASP A 1 10 ? 6.151   2.514   -11.288 1.00 12.45 ? 19  ASP A CG  1 
ATOM   57  O OD1 . ASP A 1 10 ? 6.386   3.526   -10.610 1.00 13.20 ? 19  ASP A OD1 1 
ATOM   58  O OD2 . ASP A 1 10 ? 6.078   2.540   -12.532 1.00 15.23 ? 19  ASP A OD2 1 
ATOM   59  N N   . VAL A 1 11 ? 2.858   0.277   -10.117 1.00 13.86 ? 20  VAL A N   1 
ATOM   60  C CA  . VAL A 1 11 ? 1.485   0.270   -10.603 1.00 15.09 ? 20  VAL A CA  1 
ATOM   61  C C   . VAL A 1 11 ? 0.538   0.820   -9.532  1.00 14.19 ? 20  VAL A C   1 
ATOM   62  O O   . VAL A 1 11 ? -0.365  1.604   -9.814  1.00 15.37 ? 20  VAL A O   1 
ATOM   63  C CB  . VAL A 1 11 ? 1.054   -1.170  -10.965 1.00 15.58 ? 20  VAL A CB  1 
ATOM   64  C CG1 . VAL A 1 11 ? -0.453  -1.226  -11.183 1.00 17.58 ? 20  VAL A CG1 1 
ATOM   65  C CG2 . VAL A 1 11 ? 1.795   -1.618  -12.224 1.00 18.46 ? 20  VAL A CG2 1 
ATOM   66  N N   . LEU A 1 12 ? 0.761   0.429   -8.292  1.00 13.12 ? 21  LEU A N   1 
ATOM   67  C CA  . LEU A 1 12 ? -0.099  0.888   -7.209  1.00 13.54 ? 21  LEU A CA  1 
ATOM   68  C C   . LEU A 1 12 ? 0.077   2.377   -6.935  1.00 13.42 ? 21  LEU A C   1 
ATOM   69  O O   . LEU A 1 12 ? -0.866  3.068   -6.580  1.00 14.98 ? 21  LEU A O   1 
ATOM   70  C CB  . LEU A 1 12 ? 0.169   0.053   -5.944  1.00 13.85 ? 21  LEU A CB  1 
ATOM   71  C CG  . LEU A 1 12 ? -0.286  -1.406  -6.060  1.00 14.28 ? 21  LEU A CG  1 
ATOM   72  C CD1 . LEU A 1 12 ? 0.121   -2.178  -4.826  1.00 17.56 ? 21  LEU A CD1 1 
ATOM   73  C CD2 . LEU A 1 12 ? -1.796  -1.458  -6.232  1.00 18.69 ? 21  LEU A CD2 1 
ATOM   74  N N   . VAL A 1 13 ? 1.291   2.883   -7.130  1.00 12.86 ? 22  VAL A N   1 
ATOM   75  C CA  . VAL A 1 13 ? 1.541   4.293   -6.887  1.00 13.52 ? 22  VAL A CA  1 
ATOM   76  C C   . VAL A 1 13 ? 1.115   5.165   -8.054  1.00 13.42 ? 22  VAL A C   1 
ATOM   77  O O   . VAL A 1 13 ? 0.497   6.215   -7.883  1.00 15.55 ? 22  VAL A O   1 
ATOM   78  C CB  . VAL A 1 13 ? 3.054   4.542   -6.656  1.00 13.46 ? 22  VAL A CB  1 
ATOM   79  C CG1 . VAL A 1 13 ? 3.348   6.033   -6.604  1.00 14.03 ? 22  VAL A CG1 1 
ATOM   80  C CG2 . VAL A 1 13 ? 3.499   3.871   -5.379  1.00 15.18 ? 22  VAL A CG2 1 
ATOM   81  N N   . ASN A 1 14 ? 1.431   4.693   -9.254  1.00 13.11 ? 23  ASN A N   1 
ATOM   82  C CA  . ASN A 1 14 ? 1.201   5.480   -10.443 1.00 13.60 ? 23  ASN A CA  1 
ATOM   83  C C   . ASN A 1 14 ? 0.114   5.052   -11.414 1.00 15.55 ? 23  ASN A C   1 
ATOM   84  O O   . ASN A 1 14 ? 0.369   4.798   -12.587 1.00 18.05 ? 23  ASN A O   1 
ATOM   85  C CB  . ASN A 1 14 ? 2.546   5.611   -11.145 1.00 11.68 ? 23  ASN A CB  1 
ATOM   86  C CG  . ASN A 1 14 ? 3.551   6.361   -10.295 1.00 12.31 ? 23  ASN A CG  1 
ATOM   87  O OD1 . ASN A 1 14 ? 3.334   7.519   -9.958  1.00 13.55 ? 23  ASN A OD1 1 
ATOM   88  N ND2 . ASN A 1 14 ? 4.649   5.707   -9.941  1.00 11.79 ? 23  ASN A ND2 1 
ATOM   89  N N   . THR A 1 15 ? -1.106  4.988   -10.904 1.00 17.96 ? 24  THR A N   1 
ATOM   90  C CA  . THR A 1 15 ? -2.260  4.615   -11.707 1.00 18.55 ? 24  THR A CA  1 
ATOM   91  C C   . THR A 1 15 ? -3.403  5.528   -11.304 1.00 20.22 ? 24  THR A C   1 
ATOM   92  O O   . THR A 1 15 ? -3.579  5.805   -10.112 1.00 22.76 ? 24  THR A O   1 
ATOM   93  C CB  . THR A 1 15 ? -2.685  3.158   -11.454 1.00 17.12 ? 24  THR A CB  1 
ATOM   94  O OG1 . THR A 1 15 ? -1.655  2.262   -11.886 1.00 19.19 ? 24  THR A OG1 1 
ATOM   95  C CG2 . THR A 1 15 ? -3.938  2.841   -12.240 1.00 18.10 ? 24  THR A CG2 1 
ATOM   96  N N   . ALA A 1 16 ? -4.158  6.013   -12.287 1.00 20.97 ? 25  ALA A N   1 
ATOM   97  C CA  . ALA A 1 16 ? -5.307  6.866   -11.999 1.00 21.28 ? 25  ALA A CA  1 
ATOM   98  C C   . ALA A 1 16 ? -6.340  6.007   -11.275 1.00 22.57 ? 25  ALA A C   1 
ATOM   99  O O   . ALA A 1 16 ? -6.446  4.808   -11.541 1.00 20.78 ? 25  ALA A O   1 
ATOM   100 C CB  . ALA A 1 16 ? -5.894  7.415   -13.295 1.00 22.87 ? 25  ALA A CB  1 
ATOM   101 N N   . ALA A 1 17 ? -7.072  6.620   -10.347 1.00 22.38 ? 26  ALA A N   1 
ATOM   102 C CA  . ALA A 1 17 ? -8.098  5.922   -9.566  1.00 22.97 ? 26  ALA A CA  1 
ATOM   103 C C   . ALA A 1 17 ? -9.028  5.061   -10.422 1.00 23.71 ? 26  ALA A C   1 
ATOM   104 O O   . ALA A 1 17 ? -9.270  3.894   -10.112 1.00 21.98 ? 26  ALA A O   1 
ATOM   105 C CB  . ALA A 1 17 ? -8.923  6.931   -8.779  1.00 23.22 ? 26  ALA A CB  1 
ATOM   106 N N   . GLU A 1 18 ? -9.558  5.648   -11.489 1.00 24.59 ? 27  GLU A N   1 
ATOM   107 C CA  . GLU A 1 18 ? -10.459 4.930   -12.379 1.00 27.43 ? 27  GLU A CA  1 
ATOM   108 C C   . GLU A 1 18 ? -9.790  3.734   -13.053 1.00 27.16 ? 27  GLU A C   1 
ATOM   109 O O   . GLU A 1 18 ? -10.462 2.764   -13.402 1.00 27.90 ? 27  GLU A O   1 
ATOM   110 C CB  . GLU A 1 18 ? -11.017 5.887   -13.440 1.00 30.77 ? 27  GLU A CB  1 
ATOM   111 C CG  . GLU A 1 18 ? -11.633 5.195   -14.652 1.00 36.70 ? 27  GLU A CG  1 
ATOM   112 C CD  . GLU A 1 18 ? -12.827 4.323   -14.302 1.00 40.44 ? 27  GLU A CD  1 
ATOM   113 O OE1 . GLU A 1 18 ? -13.172 3.441   -15.119 1.00 42.84 ? 27  GLU A OE1 1 
ATOM   114 O OE2 . GLU A 1 18 ? -13.425 4.520   -13.220 1.00 41.92 ? 27  GLU A OE2 1 
ATOM   115 N N   . ASP A 1 19 ? -8.468  3.792   -13.212 1.00 24.31 ? 28  ASP A N   1 
ATOM   116 C CA  . ASP A 1 19 ? -7.719  2.724   -13.868 1.00 23.43 ? 28  ASP A CA  1 
ATOM   117 C C   . ASP A 1 19 ? -7.180  1.640   -12.927 1.00 20.71 ? 28  ASP A C   1 
ATOM   118 O O   . ASP A 1 19 ? -6.623  0.650   -13.388 1.00 22.20 ? 28  ASP A O   1 
ATOM   119 C CB  . ASP A 1 19 ? -6.531  3.304   -14.655 1.00 25.43 ? 28  ASP A CB  1 
ATOM   120 C CG  . ASP A 1 19 ? -6.958  4.199   -15.809 1.00 28.13 ? 28  ASP A CG  1 
ATOM   121 O OD1 . ASP A 1 19 ? -8.057  3.988   -16.364 1.00 29.83 ? 28  ASP A OD1 1 
ATOM   122 O OD2 . ASP A 1 19 ? -6.178  5.107   -16.175 1.00 29.30 ? 28  ASP A OD2 1 
ATOM   123 N N   . LEU A 1 20 ? -7.331  1.827   -11.619 1.00 19.33 ? 29  LEU A N   1 
ATOM   124 C CA  . LEU A 1 20 ? -6.831  0.843   -10.659 1.00 18.35 ? 29  LEU A CA  1 
ATOM   125 C C   . LEU A 1 20 ? -7.413  -0.539  -10.926 1.00 17.27 ? 29  LEU A C   1 
ATOM   126 O O   . LEU A 1 20 ? -8.599  -0.652  -11.261 1.00 18.42 ? 29  LEU A O   1 
ATOM   127 C CB  . LEU A 1 20 ? -7.216  1.242   -9.234  1.00 19.03 ? 29  LEU A CB  1 
ATOM   128 C CG  . LEU A 1 20 ? -6.251  1.866   -8.227  1.00 22.16 ? 29  LEU A CG  1 
ATOM   129 C CD1 . LEU A 1 20 ? -6.853  1.593   -6.836  1.00 21.79 ? 29  LEU A CD1 1 
ATOM   130 C CD2 . LEU A 1 20 ? -4.839  1.250   -8.316  1.00 19.18 ? 29  LEU A CD2 1 
ATOM   131 N N   . PRO A 1 21 ? -6.604  -1.609  -10.796 1.00 17.30 ? 30  PRO A N   1 
ATOM   132 C CA  . PRO A 1 21 ? -7.124  -2.963  -11.027 1.00 17.89 ? 30  PRO A CA  1 
ATOM   133 C C   . PRO A 1 21 ? -8.295  -3.176  -10.073 1.00 17.66 ? 30  PRO A C   1 
ATOM   134 O O   . PRO A 1 21 ? -8.261  -2.709  -8.926  1.00 17.01 ? 30  PRO A O   1 
ATOM   135 C CB  . PRO A 1 21 ? -5.939  -3.865  -10.682 1.00 17.58 ? 30  PRO A CB  1 
ATOM   136 C CG  . PRO A 1 21 ? -4.757  -3.019  -11.077 1.00 18.48 ? 30  PRO A CG  1 
ATOM   137 C CD  . PRO A 1 21 ? -5.145  -1.632  -10.569 1.00 17.84 ? 30  PRO A CD  1 
ATOM   138 N N   . ARG A 1 22 ? -9.314  -3.894  -10.536 1.00 16.92 ? 31  ARG A N   1 
ATOM   139 C CA  . ARG A 1 22 ? -10.495 -4.125  -9.718  1.00 16.23 ? 31  ARG A CA  1 
ATOM   140 C C   . ARG A 1 22 ? -10.191 -4.798  -8.385  1.00 15.17 ? 31  ARG A C   1 
ATOM   141 O O   . ARG A 1 22 ? -10.891 -4.549  -7.398  1.00 14.93 ? 31  ARG A O   1 
ATOM   142 C CB  . ARG A 1 22 ? -11.524 -4.951  -10.510 1.00 16.90 ? 31  ARG A CB  1 
ATOM   143 C CG  . ARG A 1 22 ? -11.166 -6.412  -10.711 1.00 18.68 ? 31  ARG A CG  1 
ATOM   144 C CD  . ARG A 1 22 ? -12.291 -7.169  -11.421 1.00 17.22 ? 31  ARG A CD  1 
ATOM   145 N NE  . ARG A 1 22 ? -13.559 -7.138  -10.688 1.00 17.01 ? 31  ARG A NE  1 
ATOM   146 C CZ  . ARG A 1 22 ? -13.917 -8.024  -9.763  1.00 16.98 ? 31  ARG A CZ  1 
ATOM   147 N NH1 . ARG A 1 22 ? -13.103 -9.026  -9.440  1.00 17.79 ? 31  ARG A NH1 1 
ATOM   148 N NH2 . ARG A 1 22 ? -15.091 -7.923  -9.163  1.00 20.94 ? 31  ARG A NH2 1 
ATOM   149 N N   . GLY A 1 23 ? -9.150  -5.626  -8.348  1.00 15.00 ? 32  GLY A N   1 
ATOM   150 C CA  . GLY A 1 23 ? -8.803  -6.344  -7.135  1.00 14.58 ? 32  GLY A CA  1 
ATOM   151 C C   . GLY A 1 23 ? -8.019  -5.609  -6.064  1.00 12.99 ? 32  GLY A C   1 
ATOM   152 O O   . GLY A 1 23 ? -7.591  -6.235  -5.105  1.00 15.50 ? 32  GLY A O   1 
ATOM   153 N N   . VAL A 1 24 ? -7.844  -4.306  -6.228  1.00 13.63 ? 33  VAL A N   1 
ATOM   154 C CA  . VAL A 1 24 ? -7.117  -3.517  -5.241  1.00 14.29 ? 33  VAL A CA  1 
ATOM   155 C C   . VAL A 1 24 ? -8.063  -2.633  -4.415  1.00 14.16 ? 33  VAL A C   1 
ATOM   156 O O   . VAL A 1 24 ? -8.852  -1.882  -4.967  1.00 14.70 ? 33  VAL A O   1 
ATOM   157 C CB  . VAL A 1 24 ? -6.094  -2.587  -5.941  1.00 14.92 ? 33  VAL A CB  1 
ATOM   158 C CG1 . VAL A 1 24 ? -5.378  -1.706  -4.888  1.00 15.66 ? 33  VAL A CG1 1 
ATOM   159 C CG2 . VAL A 1 24 ? -5.098  -3.405  -6.732  1.00 16.01 ? 33  VAL A CG2 1 
ATOM   160 N N   . ASP A 1 25 ? -7.964  -2.736  -3.088  1.00 15.30 ? 34  ASP A N   1 
ATOM   161 C CA  . ASP A 1 25 ? -8.743  -1.885  -2.188  1.00 14.31 ? 34  ASP A CA  1 
ATOM   162 C C   . ASP A 1 25 ? -7.957  -0.563  -2.213  1.00 14.62 ? 34  ASP A C   1 
ATOM   163 O O   . ASP A 1 25 ? -6.820  -0.498  -1.725  1.00 14.06 ? 34  ASP A O   1 
ATOM   164 C CB  . ASP A 1 25 ? -8.746  -2.492  -0.780  1.00 14.18 ? 34  ASP A CB  1 
ATOM   165 C CG  . ASP A 1 25 ? -9.495  -1.639  0.225   1.00 12.98 ? 34  ASP A CG  1 
ATOM   166 O OD1 . ASP A 1 25 ? -9.775  -0.467  -0.078  1.00 14.72 ? 34  ASP A OD1 1 
ATOM   167 O OD2 . ASP A 1 25 ? -9.796  -2.158  1.324   1.00 16.28 ? 34  ASP A OD2 1 
ATOM   168 N N   . PRO A 1 26 ? -8.527  0.505   -2.781  1.00 13.90 ? 35  PRO A N   1 
ATOM   169 C CA  . PRO A 1 26 ? -7.799  1.781   -2.845  1.00 14.53 ? 35  PRO A CA  1 
ATOM   170 C C   . PRO A 1 26 ? -7.410  2.394   -1.514  1.00 14.76 ? 35  PRO A C   1 
ATOM   171 O O   . PRO A 1 26 ? -6.515  3.229   -1.458  1.00 15.72 ? 35  PRO A O   1 
ATOM   172 C CB  . PRO A 1 26 ? -8.728  2.677   -3.660  1.00 17.77 ? 35  PRO A CB  1 
ATOM   173 C CG  . PRO A 1 26 ? -10.081 2.148   -3.287  1.00 18.89 ? 35  PRO A CG  1 
ATOM   174 C CD  . PRO A 1 26 ? -9.894  0.655   -3.314  1.00 16.09 ? 35  PRO A CD  1 
ATOM   175 N N   . SER A 1 27 ? -8.064  1.973   -0.443  1.00 15.99 ? 36  SER A N   1 
ATOM   176 C CA  . SER A 1 27 ? -7.743  2.503   0.882   1.00 16.19 ? 36  SER A CA  1 
ATOM   177 C C   . SER A 1 27 ? -6.692  1.661   1.583   1.00 16.00 ? 36  SER A C   1 
ATOM   178 O O   . SER A 1 27 ? -6.205  2.028   2.657   1.00 16.98 ? 36  SER A O   1 
ATOM   179 C CB  . SER A 1 27 ? -8.993  2.529   1.756   1.00 19.29 ? 36  SER A CB  1 
ATOM   180 O OG  . SER A 1 27 ? -10.014 3.291   1.147   1.00 22.67 ? 36  SER A OG  1 
ATOM   181 N N   . ARG A 1 28 ? -6.338  0.527   0.991   1.00 14.56 ? 37  ARG A N   1 
ATOM   182 C CA  . ARG A 1 28 ? -5.354  -0.359  1.600   1.00 15.39 ? 37  ARG A CA  1 
ATOM   183 C C   . ARG A 1 28 ? -4.433  -0.911  0.533   1.00 13.32 ? 37  ARG A C   1 
ATOM   184 O O   . ARG A 1 28 ? -4.229  -2.120  0.428   1.00 14.76 ? 37  ARG A O   1 
ATOM   185 C CB  . ARG A 1 28 ? -6.062  -1.511  2.317   1.00 17.91 ? 37  ARG A CB  1 
ATOM   186 C CG  . ARG A 1 28 ? -7.158  -1.037  3.270   1.00 24.31 ? 37  ARG A CG  1 
ATOM   187 C CD  . ARG A 1 28 ? -6.609  -0.381  4.533   1.00 30.15 ? 37  ARG A CD  1 
ATOM   188 N NE  . ARG A 1 28 ? -6.247  -1.364  5.552   1.00 35.28 ? 37  ARG A NE  1 
ATOM   189 C CZ  . ARG A 1 28 ? -6.212  -1.108  6.857   1.00 35.95 ? 37  ARG A CZ  1 
ATOM   190 N NH1 . ARG A 1 28 ? -6.518  0.103   7.310   1.00 37.19 ? 37  ARG A NH1 1 
ATOM   191 N NH2 . ARG A 1 28 ? -5.883  -2.067  7.712   1.00 38.78 ? 37  ARG A NH2 1 
ATOM   192 N N   . LYS A 1 29 ? -3.859  -0.001  -0.253  1.00 12.98 ? 38  LYS A N   1 
ATOM   193 C CA  . LYS A 1 29 ? -2.968  -0.428  -1.318  1.00 13.04 ? 38  LYS A CA  1 
ATOM   194 C C   . LYS A 1 29 ? -1.811  -1.271  -0.809  1.00 14.28 ? 38  LYS A C   1 
ATOM   195 O O   . LYS A 1 29 ? -1.342  -2.167  -1.509  1.00 14.14 ? 38  LYS A O   1 
ATOM   196 C CB  . LYS A 1 29 ? -2.440  0.789   -2.085  1.00 13.05 ? 38  LYS A CB  1 
ATOM   197 C CG  . LYS A 1 29 ? -3.468  1.421   -3.012  1.00 13.19 ? 38  LYS A CG  1 
ATOM   198 C CD  . LYS A 1 29 ? -2.876  2.601   -3.765  1.00 12.40 ? 38  LYS A CD  1 
ATOM   199 C CE  . LYS A 1 29 ? -3.840  3.130   -4.804  1.00 12.95 ? 38  LYS A CE  1 
ATOM   200 N NZ  . LYS A 1 29 ? -3.202  4.227   -5.597  1.00 15.41 ? 38  LYS A NZ  1 
ATOM   201 N N   . GLU A 1 30 ? -1.339  -0.987  0.407   1.00 14.24 ? 39  GLU A N   1 
ATOM   202 C CA  . GLU A 1 30 ? -0.243  -1.761  0.964   1.00 13.71 ? 39  GLU A CA  1 
ATOM   203 C C   . GLU A 1 30 ? -0.540  -3.263  1.057   1.00 13.66 ? 39  GLU A C   1 
ATOM   204 O O   . GLU A 1 30 ? 0.373   -4.087  1.007   1.00 14.40 ? 39  GLU A O   1 
ATOM   205 C CB  . GLU A 1 30 ? 0.163   -1.216  2.350   1.00 14.98 ? 39  GLU A CB  1 
ATOM   206 C CG  . GLU A 1 30 ? -0.785  -1.549  3.501   1.00 14.94 ? 39  GLU A CG  1 
ATOM   207 C CD  . GLU A 1 30 ? -1.999  -0.637  3.602   1.00 14.84 ? 39  GLU A CD  1 
ATOM   208 O OE1 . GLU A 1 30 ? -2.237  0.212   2.715   1.00 15.55 ? 39  GLU A OE1 1 
ATOM   209 O OE2 . GLU A 1 30 ? -2.723  -0.778  4.609   1.00 18.05 ? 39  GLU A OE2 1 
ATOM   210 N N   . ASN A 1 31 ? -1.817  -3.626  1.187   1.00 14.48 ? 40  ASN A N   1 
ATOM   211 C CA  . ASN A 1 31 ? -2.167  -5.046  1.274   1.00 16.18 ? 40  ASN A CA  1 
ATOM   212 C C   . ASN A 1 31 ? -1.997  -5.745  -0.070  1.00 16.37 ? 40  ASN A C   1 
ATOM   213 O O   . ASN A 1 31 ? -2.015  -6.977  -0.145  1.00 18.32 ? 40  ASN A O   1 
ATOM   214 C CB  . ASN A 1 31 ? -3.626  -5.234  1.704   1.00 18.51 ? 40  ASN A CB  1 
ATOM   215 C CG  . ASN A 1 31 ? -3.873  -4.873  3.145   1.00 22.05 ? 40  ASN A CG  1 
ATOM   216 O OD1 . ASN A 1 31 ? -2.962  -4.887  3.975   1.00 24.87 ? 40  ASN A OD1 1 
ATOM   217 N ND2 . ASN A 1 31 ? -5.128  -4.563  3.459   1.00 24.18 ? 40  ASN A ND2 1 
ATOM   218 N N   . HIS A 1 32 ? -1.836  -4.961  -1.133  1.00 15.25 ? 41  HIS A N   1 
ATOM   219 C CA  . HIS A 1 32 ? -1.700  -5.535  -2.465  1.00 14.35 ? 41  HIS A CA  1 
ATOM   220 C C   . HIS A 1 32 ? -0.270  -5.512  -2.991  1.00 14.25 ? 41  HIS A C   1 
ATOM   221 O O   . HIS A 1 32 ? -0.012  -5.794  -4.162  1.00 14.90 ? 41  HIS A O   1 
ATOM   222 C CB  . HIS A 1 32 ? -2.685  -4.830  -3.395  1.00 14.13 ? 41  HIS A CB  1 
ATOM   223 C CG  . HIS A 1 32 ? -4.111  -4.986  -2.950  1.00 15.20 ? 41  HIS A CG  1 
ATOM   224 N ND1 . HIS A 1 32 ? -4.851  -6.121  -3.210  1.00 15.68 ? 41  HIS A ND1 1 
ATOM   225 C CD2 . HIS A 1 32 ? -4.894  -4.194  -2.177  1.00 14.88 ? 41  HIS A CD2 1 
ATOM   226 C CE1 . HIS A 1 32 ? -6.026  -6.024  -2.609  1.00 15.98 ? 41  HIS A CE1 1 
ATOM   227 N NE2 . HIS A 1 32 ? -6.079  -4.867  -1.975  1.00 17.28 ? 41  HIS A NE2 1 
ATOM   228 N N   . LEU A 1 33 ? 0.658   -5.189  -2.104  1.00 14.62 ? 42  LEU A N   1 
ATOM   229 C CA  . LEU A 1 33 ? 2.068   -5.221  -2.439  1.00 13.74 ? 42  LEU A CA  1 
ATOM   230 C C   . LEU A 1 33 ? 2.556   -6.615  -2.093  1.00 14.47 ? 42  LEU A C   1 
ATOM   231 O O   . LEU A 1 33 ? 2.034   -7.256  -1.174  1.00 15.67 ? 42  LEU A O   1 
ATOM   232 C CB  . LEU A 1 33 ? 2.855   -4.243  -1.567  1.00 13.47 ? 42  LEU A CB  1 
ATOM   233 C CG  . LEU A 1 33 ? 2.681   -2.758  -1.841  1.00 13.30 ? 42  LEU A CG  1 
ATOM   234 C CD1 . LEU A 1 33 ? 3.356   -1.987  -0.717  1.00 14.22 ? 42  LEU A CD1 1 
ATOM   235 C CD2 . LEU A 1 33 ? 3.273   -2.400  -3.204  1.00 14.84 ? 42  LEU A CD2 1 
ATOM   236 N N   . SER A 1 34 ? 3.550   -7.094  -2.825  1.00 14.93 ? 43  SER A N   1 
ATOM   237 C CA  . SER A 1 34 ? 4.146   -8.386  -2.503  1.00 15.44 ? 43  SER A CA  1 
ATOM   238 C C   . SER A 1 34 ? 4.819   -8.217  -1.142  1.00 15.94 ? 43  SER A C   1 
ATOM   239 O O   . SER A 1 34 ? 5.079   -7.091  -0.700  1.00 14.02 ? 43  SER A O   1 
ATOM   240 C CB  . SER A 1 34 ? 5.205   -8.743  -3.529  1.00 15.16 ? 43  SER A CB  1 
ATOM   241 O OG  . SER A 1 34 ? 6.272   -7.797  -3.505  1.00 15.85 ? 43  SER A OG  1 
ATOM   242 N N   . ASP A 1 35 ? 5.121   -9.318  -0.468  1.00 15.63 ? 44  ASP A N   1 
ATOM   243 C CA  . ASP A 1 35 ? 5.786   -9.198  0.822   1.00 15.13 ? 44  ASP A CA  1 
ATOM   244 C C   . ASP A 1 35 ? 7.106   -8.449  0.664   1.00 15.12 ? 44  ASP A C   1 
ATOM   245 O O   . ASP A 1 35 ? 7.500   -7.665  1.525   1.00 14.62 ? 44  ASP A O   1 
ATOM   246 C CB  . ASP A 1 35 ? 6.050   -10.582 1.436   1.00 17.89 ? 44  ASP A CB  1 
ATOM   247 C CG  . ASP A 1 35 ? 4.782   -11.292 1.859   1.00 18.93 ? 44  ASP A CG  1 
ATOM   248 O OD1 . ASP A 1 35 ? 3.708   -10.669 1.929   1.00 19.01 ? 44  ASP A OD1 1 
ATOM   249 O OD2 . ASP A 1 35 ? 4.874   -12.510 2.141   1.00 23.61 ? 44  ASP A OD2 1 
ATOM   250 N N   . GLU A 1 36 ? 7.805   -8.692  -0.434  1.00 15.47 ? 45  GLU A N   1 
ATOM   251 C CA  . GLU A 1 36 ? 9.076   -8.036  -0.673  1.00 15.01 ? 45  GLU A CA  1 
ATOM   252 C C   . GLU A 1 36 ? 8.907   -6.516  -0.823  1.00 14.41 ? 45  GLU A C   1 
ATOM   253 O O   . GLU A 1 36 ? 9.679   -5.734  -0.252  1.00 13.81 ? 45  GLU A O   1 
ATOM   254 C CB  . GLU A 1 36 ? 9.713   -8.627  -1.934  1.00 18.44 ? 45  GLU A CB  1 
ATOM   255 C CG  . GLU A 1 36 ? 10.918  -7.884  -2.442  1.00 22.41 ? 45  GLU A CG  1 
ATOM   256 C CD  . GLU A 1 36 ? 11.352  -8.396  -3.798  1.00 25.04 ? 45  GLU A CD  1 
ATOM   257 O OE1 . GLU A 1 36 ? 11.830  -7.580  -4.611  1.00 24.51 ? 45  GLU A OE1 1 
ATOM   258 O OE2 . GLU A 1 36 ? 11.212  -9.618  -4.033  1.00 28.31 ? 45  GLU A OE2 1 
ATOM   259 N N   . ASP A 1 37 ? 7.918   -6.094  -1.603  1.00 12.57 ? 46  ASP A N   1 
ATOM   260 C CA  . ASP A 1 37 ? 7.698   -4.668  -1.780  1.00 11.95 ? 46  ASP A CA  1 
ATOM   261 C C   . ASP A 1 37 ? 7.215   -4.039  -0.482  1.00 11.73 ? 46  ASP A C   1 
ATOM   262 O O   . ASP A 1 37 ? 7.600   -2.919  -0.169  1.00 12.33 ? 46  ASP A O   1 
ATOM   263 C CB  . ASP A 1 37 ? 6.684   -4.399  -2.894  1.00 12.28 ? 46  ASP A CB  1 
ATOM   264 C CG  . ASP A 1 37 ? 7.319   -4.373  -4.282  1.00 13.34 ? 46  ASP A CG  1 
ATOM   265 O OD1 . ASP A 1 37 ? 8.562   -4.332  -4.385  1.00 16.01 ? 46  ASP A OD1 1 
ATOM   266 O OD2 . ASP A 1 37 ? 6.559   -4.381  -5.274  1.00 14.37 ? 46  ASP A OD2 1 
ATOM   267 N N   . PHE A 1 38 ? 6.379   -4.741  0.286   1.00 11.14 ? 47  PHE A N   1 
ATOM   268 C CA  . PHE A 1 38 ? 5.909   -4.168  1.548   1.00 11.06 ? 47  PHE A CA  1 
ATOM   269 C C   . PHE A 1 38 ? 7.114   -3.913  2.461   1.00 11.39 ? 47  PHE A C   1 
ATOM   270 O O   . PHE A 1 38 ? 7.232   -2.846  3.065   1.00 11.67 ? 47  PHE A O   1 
ATOM   271 C CB  . PHE A 1 38 ? 4.898   -5.098  2.250   1.00 11.44 ? 47  PHE A CB  1 
ATOM   272 C CG  . PHE A 1 38 ? 4.275   -4.485  3.474   1.00 11.09 ? 47  PHE A CG  1 
ATOM   273 C CD1 . PHE A 1 38 ? 3.017   -3.897  3.409   1.00 12.17 ? 47  PHE A CD1 1 
ATOM   274 C CD2 . PHE A 1 38 ? 4.973   -4.448  4.682   1.00 11.30 ? 47  PHE A CD2 1 
ATOM   275 C CE1 . PHE A 1 38 ? 2.467   -3.279  4.530   1.00 11.93 ? 47  PHE A CE1 1 
ATOM   276 C CE2 . PHE A 1 38 ? 4.432   -3.830  5.801   1.00 11.71 ? 47  PHE A CE2 1 
ATOM   277 C CZ  . PHE A 1 38 ? 3.184   -3.246  5.724   1.00 12.68 ? 47  PHE A CZ  1 
ATOM   278 N N   . LYS A 1 39 ? 8.011   -4.894  2.558   1.00 11.60 ? 48  LYS A N   1 
ATOM   279 C CA  . LYS A 1 39 ? 9.203   -4.775  3.392   1.00 11.20 ? 48  LYS A CA  1 
ATOM   280 C C   . LYS A 1 39 ? 10.087  -3.616  2.917   1.00 11.04 ? 48  LYS A C   1 
ATOM   281 O O   . LYS A 1 39 ? 10.598  -2.838  3.719   1.00 11.81 ? 48  LYS A O   1 
ATOM   282 C CB  . LYS A 1 39 ? 9.977   -6.105  3.343   1.00 12.80 ? 48  LYS A CB  1 
ATOM   283 C CG  . LYS A 1 39 ? 11.285  -6.157  4.112   1.00 14.81 ? 48  LYS A CG  1 
ATOM   284 C CD  . LYS A 1 39 ? 11.882  -7.573  3.922   1.00 16.75 ? 48  LYS A CD  1 
ATOM   285 C CE  . LYS A 1 39 ? 13.365  -7.644  4.217   1.00 20.01 ? 48  LYS A CE  1 
ATOM   286 N NZ  . LYS A 1 39 ? 13.614  -7.408  5.651   1.00 22.58 ? 48  LYS A NZ  1 
ATOM   287 N N   . ALA A 1 40 ? 10.277  -3.508  1.610   1.00 11.45 ? 49  ALA A N   1 
ATOM   288 C CA  . ALA A 1 40 ? 11.088  -2.430  1.064   1.00 10.70 ? 49  ALA A CA  1 
ATOM   289 C C   . ALA A 1 40 ? 10.497  -1.040  1.309   1.00 10.59 ? 49  ALA A C   1 
ATOM   290 O O   . ALA A 1 40 ? 11.207  -0.096  1.641   1.00 11.27 ? 49  ALA A O   1 
ATOM   291 C CB  . ALA A 1 40 ? 11.265  -2.650  -0.422  1.00 11.78 ? 49  ALA A CB  1 
ATOM   292 N N   . VAL A 1 41 ? 9.191   -0.927  1.141   1.00 10.75 ? 50  VAL A N   1 
ATOM   293 C CA  . VAL A 1 41 ? 8.523   0.354   1.296   1.00 10.29 ? 50  VAL A CA  1 
ATOM   294 C C   . VAL A 1 41 ? 8.352   0.796   2.741   1.00 9.97  ? 50  VAL A C   1 
ATOM   295 O O   . VAL A 1 41 ? 8.631   1.946   3.077   1.00 11.97 ? 50  VAL A O   1 
ATOM   296 C CB  . VAL A 1 41 ? 7.137   0.307   0.630   1.00 10.36 ? 50  VAL A CB  1 
ATOM   297 C CG1 . VAL A 1 41 ? 6.335   1.582   0.942   1.00 11.38 ? 50  VAL A CG1 1 
ATOM   298 C CG2 . VAL A 1 41 ? 7.309   0.185   -0.875  1.00 12.79 ? 50  VAL A CG2 1 
ATOM   299 N N   . PHE A 1 42 ? 7.911   -0.116  3.604   1.00 9.94  ? 51  PHE A N   1 
ATOM   300 C CA  . PHE A 1 42 ? 7.625   0.271   4.985   1.00 9.67  ? 51  PHE A CA  1 
ATOM   301 C C   . PHE A 1 42 ? 8.691   -0.056  6.008   1.00 9.75  ? 51  PHE A C   1 
ATOM   302 O O   . PHE A 1 42 ? 8.778   0.619   7.035   1.00 10.88 ? 51  PHE A O   1 
ATOM   303 C CB  . PHE A 1 42 ? 6.266   -0.304  5.410   1.00 10.23 ? 51  PHE A CB  1 
ATOM   304 C CG  . PHE A 1 42 ? 5.119   0.254   4.618   1.00 10.43 ? 51  PHE A CG  1 
ATOM   305 C CD1 . PHE A 1 42 ? 4.683   1.550   4.836   1.00 11.37 ? 51  PHE A CD1 1 
ATOM   306 C CD2 . PHE A 1 42 ? 4.536   -0.477  3.584   1.00 10.80 ? 51  PHE A CD2 1 
ATOM   307 C CE1 . PHE A 1 42 ? 3.689   2.126   4.036   1.00 10.57 ? 51  PHE A CE1 1 
ATOM   308 C CE2 . PHE A 1 42 ? 3.536   0.090   2.771   1.00 10.79 ? 51  PHE A CE2 1 
ATOM   309 C CZ  . PHE A 1 42 ? 3.115   1.389   2.993   1.00 10.75 ? 51  PHE A CZ  1 
ATOM   310 N N   . GLY A 1 43 ? 9.492   -1.091  5.763   1.00 10.52 ? 52  GLY A N   1 
ATOM   311 C CA  . GLY A 1 43 ? 10.576  -1.411  6.690   1.00 10.42 ? 52  GLY A CA  1 
ATOM   312 C C   . GLY A 1 43 ? 10.150  -2.028  8.006   1.00 10.55 ? 52  GLY A C   1 
ATOM   313 O O   . GLY A 1 43 ? 10.935  -2.055  8.942   1.00 12.65 ? 52  GLY A O   1 
ATOM   314 N N   . MET A 1 44 ? 8.927   -2.526  8.075   1.00 10.50 ? 53  MET A N   1 
ATOM   315 C CA  . MET A 1 44 ? 8.398   -3.161  9.280   1.00 12.41 ? 53  MET A CA  1 
ATOM   316 C C   . MET A 1 44 ? 7.454   -4.262  8.825   1.00 12.84 ? 53  MET A C   1 
ATOM   317 O O   . MET A 1 44 ? 7.116   -4.356  7.647   1.00 13.60 ? 53  MET A O   1 
ATOM   318 C CB  . MET A 1 44 ? 7.645   -2.136  10.150  1.00 13.13 ? 53  MET A CB  1 
ATOM   319 C CG  . MET A 1 44 ? 6.439   -1.496  9.458   1.00 12.41 ? 53  MET A CG  1 
ATOM   320 S SD  . MET A 1 44 ? 5.646   -0.182  10.419  1.00 13.64 ? 53  MET A SD  1 
ATOM   321 C CE  . MET A 1 44 ? 6.886   1.090   10.318  1.00 13.77 ? 53  MET A CE  1 
ATOM   322 N N   . THR A 1 45 ? 7.047   -5.124  9.746   1.00 12.97 ? 54  THR A N   1 
ATOM   323 C CA  . THR A 1 45 ? 6.144   -6.200  9.365   1.00 12.16 ? 54  THR A CA  1 
ATOM   324 C C   . THR A 1 45 ? 4.758   -5.640  9.088   1.00 12.18 ? 54  THR A C   1 
ATOM   325 O O   . THR A 1 45 ? 4.424   -4.512  9.515   1.00 11.20 ? 54  THR A O   1 
ATOM   326 C CB  . THR A 1 45 ? 6.011   -7.257  10.473  1.00 12.68 ? 54  THR A CB  1 
ATOM   327 O OG1 . THR A 1 45 ? 5.395   -6.666  11.619  1.00 12.57 ? 54  THR A OG1 1 
ATOM   328 C CG2 . THR A 1 45 ? 7.354   -7.822  10.854  1.00 14.44 ? 54  THR A CG2 1 
ATOM   329 N N   . ARG A 1 46 ? 3.940   -6.411  8.373   1.00 11.76 ? 55  ARG A N   1 
ATOM   330 C CA  . ARG A 1 46 ? 2.585   -5.973  8.096   1.00 12.44 ? 55  ARG A CA  1 
ATOM   331 C C   . ARG A 1 46 ? 1.793   -5.795  9.384   1.00 11.28 ? 55  ARG A C   1 
ATOM   332 O O   . ARG A 1 46 ? 0.965   -4.896  9.490   1.00 12.81 ? 55  ARG A O   1 
ATOM   333 C CB  . ARG A 1 46 ? 1.856   -6.983  7.203   1.00 12.67 ? 55  ARG A CB  1 
ATOM   334 C CG  . ARG A 1 46 ? 2.393   -7.048  5.777   1.00 13.12 ? 55  ARG A CG  1 
ATOM   335 C CD  . ARG A 1 46 ? 1.641   -8.118  4.997   1.00 15.32 ? 55  ARG A CD  1 
ATOM   336 N NE  . ARG A 1 46 ? 2.236   -8.417  3.700   1.00 14.98 ? 55  ARG A NE  1 
ATOM   337 C CZ  . ARG A 1 46 ? 1.999   -7.752  2.574   1.00 13.20 ? 55  ARG A CZ  1 
ATOM   338 N NH1 . ARG A 1 46 ? 1.176   -6.714  2.542   1.00 15.24 ? 55  ARG A NH1 1 
ATOM   339 N NH2 . ARG A 1 46 ? 2.583   -8.168  1.459   1.00 15.90 ? 55  ARG A NH2 1 
ATOM   340 N N   . SER A 1 47 ? 2.033   -6.672  10.362  1.00 12.44 ? 56  SER A N   1 
ATOM   341 C CA  . SER A 1 47 ? 1.325   -6.570  11.630  1.00 12.09 ? 56  SER A CA  1 
ATOM   342 C C   . SER A 1 47 ? 1.736   -5.310  12.387  1.00 11.58 ? 56  SER A C   1 
ATOM   343 O O   . SER A 1 47 ? 0.898   -4.635  12.970  1.00 11.71 ? 56  SER A O   1 
ATOM   344 C CB  . SER A 1 47 ? 1.598   -7.805  12.497  1.00 16.01 ? 56  SER A CB  1 
ATOM   345 O OG  . SER A 1 47 ? 1.141   -7.589  13.819  1.00 21.08 ? 56  SER A OG  1 
ATOM   346 N N   . ALA A 1 48 ? 3.028   -4.983  12.365  1.00 11.47 ? 57  ALA A N   1 
ATOM   347 C CA  . ALA A 1 48 ? 3.484   -3.775  13.051  1.00 11.63 ? 57  ALA A CA  1 
ATOM   348 C C   . ALA A 1 48 ? 2.845   -2.542  12.391  1.00 10.87 ? 57  ALA A C   1 
ATOM   349 O O   . ALA A 1 48 ? 2.409   -1.614  13.060  1.00 12.16 ? 57  ALA A O   1 
ATOM   350 C CB  . ALA A 1 48 ? 5.003   -3.672  12.987  1.00 12.14 ? 57  ALA A CB  1 
ATOM   351 N N   . PHE A 1 49 ? 2.768   -2.540  11.068  1.00 11.63 ? 58  PHE A N   1 
ATOM   352 C CA  . PHE A 1 49 ? 2.163   -1.403  10.386  1.00 9.82  ? 58  PHE A CA  1 
ATOM   353 C C   . PHE A 1 49 ? 0.667   -1.287  10.746  1.00 11.23 ? 58  PHE A C   1 
ATOM   354 O O   . PHE A 1 49 ? 0.165   -0.185  11.001  1.00 11.16 ? 58  PHE A O   1 
ATOM   355 C CB  . PHE A 1 49 ? 2.349   -1.575  8.870   1.00 10.49 ? 58  PHE A CB  1 
ATOM   356 C CG  . PHE A 1 49 ? 1.851   -0.411  8.063   1.00 10.91 ? 58  PHE A CG  1 
ATOM   357 C CD1 . PHE A 1 49 ? 2.589   0.768   7.973   1.00 11.15 ? 58  PHE A CD1 1 
ATOM   358 C CD2 . PHE A 1 49 ? 0.631   -0.490  7.400   1.00 11.91 ? 58  PHE A CD2 1 
ATOM   359 C CE1 . PHE A 1 49 ? 2.106   1.855   7.227   1.00 10.33 ? 58  PHE A CE1 1 
ATOM   360 C CE2 . PHE A 1 49 ? 0.148   0.588   6.659   1.00 11.92 ? 58  PHE A CE2 1 
ATOM   361 C CZ  . PHE A 1 49 ? 0.902   1.762   6.581   1.00 10.72 ? 58  PHE A CZ  1 
ATOM   362 N N   . ALA A 1 50 ? -0.028  -2.429  10.785  1.00 11.62 ? 59  ALA A N   1 
ATOM   363 C CA  . ALA A 1 50 ? -1.445  -2.481  11.124  1.00 11.85 ? 59  ALA A CA  1 
ATOM   364 C C   . ALA A 1 50 ? -1.702  -2.020  12.569  1.00 12.02 ? 59  ALA A C   1 
ATOM   365 O O   . ALA A 1 50 ? -2.807  -1.590  12.901  1.00 14.18 ? 59  ALA A O   1 
ATOM   366 C CB  . ALA A 1 50 ? -1.978  -3.914  10.924  1.00 14.16 ? 59  ALA A CB  1 
ATOM   367 N N   . ASN A 1 51 ? -0.681  -2.099  13.416  1.00 11.61 ? 60  ASN A N   1 
ATOM   368 C CA  . ASN A 1 51 ? -0.818  -1.666  14.805  1.00 11.87 ? 60  ASN A CA  1 
ATOM   369 C C   . ASN A 1 51 ? -0.586  -0.170  15.006  1.00 11.43 ? 60  ASN A C   1 
ATOM   370 O O   . ASN A 1 51 ? -0.807  0.366   16.093  1.00 11.89 ? 60  ASN A O   1 
ATOM   371 C CB  . ASN A 1 51 ? 0.115   -2.468  15.712  1.00 11.46 ? 60  ASN A CB  1 
ATOM   372 C CG  . ASN A 1 51 ? -0.334  -3.911  15.868  1.00 13.71 ? 60  ASN A CG  1 
ATOM   373 O OD1 . ASN A 1 51 ? -1.425  -4.277  15.427  1.00 15.75 ? 60  ASN A OD1 1 
ATOM   374 N ND2 . ASN A 1 51 ? 0.496   -4.733  16.503  1.00 13.46 ? 60  ASN A ND2 1 
ATOM   375 N N   . LEU A 1 52 ? -0.097  0.504   13.971  1.00 12.22 ? 61  LEU A N   1 
ATOM   376 C CA  . LEU A 1 52 ? 0.054   1.955   14.044  1.00 10.62 ? 61  LEU A CA  1 
ATOM   377 C C   . LEU A 1 52 ? -1.362  2.518   13.945  1.00 11.65 ? 61  LEU A C   1 
ATOM   378 O O   . LEU A 1 52 ? -2.248  1.883   13.356  1.00 12.10 ? 61  LEU A O   1 
ATOM   379 C CB  . LEU A 1 52 ? 0.847   2.483   12.845  1.00 12.31 ? 61  LEU A CB  1 
ATOM   380 C CG  . LEU A 1 52 ? 2.333   2.155   12.832  1.00 10.05 ? 61  LEU A CG  1 
ATOM   381 C CD1 . LEU A 1 52 ? 2.972   2.642   11.545  1.00 11.49 ? 61  LEU A CD1 1 
ATOM   382 C CD2 . LEU A 1 52 ? 2.990   2.794   14.049  1.00 12.21 ? 61  LEU A CD2 1 
ATOM   383 N N   . PRO A 1 53 ? -1.597  3.711   14.505  1.00 11.25 ? 62  PRO A N   1 
ATOM   384 C CA  . PRO A 1 53 ? -2.946  4.280   14.398  1.00 12.57 ? 62  PRO A CA  1 
ATOM   385 C C   . PRO A 1 53 ? -3.237  4.482   12.907  1.00 12.57 ? 62  PRO A C   1 
ATOM   386 O O   . PRO A 1 53 ? -2.332  4.774   12.116  1.00 11.89 ? 62  PRO A O   1 
ATOM   387 C CB  . PRO A 1 53 ? -2.829  5.619   15.119  1.00 12.42 ? 62  PRO A CB  1 
ATOM   388 C CG  . PRO A 1 53 ? -1.710  5.405   16.115  1.00 12.20 ? 62  PRO A CG  1 
ATOM   389 C CD  . PRO A 1 53 ? -0.716  4.552   15.336  1.00 11.46 ? 62  PRO A CD  1 
ATOM   390 N N   . LEU A 1 54 ? -4.500  4.357   12.529  1.00 12.99 ? 63  LEU A N   1 
ATOM   391 C CA  . LEU A 1 54 ? -4.904  4.534   11.147  1.00 13.76 ? 63  LEU A CA  1 
ATOM   392 C C   . LEU A 1 54 ? -4.389  5.828   10.534  1.00 12.90 ? 63  LEU A C   1 
ATOM   393 O O   . LEU A 1 54 ? -3.898  5.821   9.403   1.00 13.02 ? 63  LEU A O   1 
ATOM   394 C CB  . LEU A 1 54 ? -6.431  4.500   11.056  1.00 15.98 ? 63  LEU A CB  1 
ATOM   395 C CG  . LEU A 1 54 ? -6.980  4.804   9.663   1.00 18.75 ? 63  LEU A CG  1 
ATOM   396 C CD1 . LEU A 1 54 ? -6.486  3.762   8.691   1.00 19.64 ? 63  LEU A CD1 1 
ATOM   397 C CD2 . LEU A 1 54 ? -8.497  4.791   9.707   1.00 21.55 ? 63  LEU A CD2 1 
ATOM   398 N N   . TRP A 1 55 ? -4.492  6.938   11.254  1.00 11.87 ? 64  TRP A N   1 
ATOM   399 C CA  . TRP A 1 55 ? -4.033  8.191   10.687  1.00 11.97 ? 64  TRP A CA  1 
ATOM   400 C C   . TRP A 1 55 ? -2.546  8.177   10.383  1.00 11.78 ? 64  TRP A C   1 
ATOM   401 O O   . TRP A 1 55 ? -2.093  8.838   9.454   1.00 12.88 ? 64  TRP A O   1 
ATOM   402 C CB  . TRP A 1 55 ? -4.355  9.382   11.602  1.00 13.90 ? 64  TRP A CB  1 
ATOM   403 C CG  . TRP A 1 55 ? -3.815  9.268   12.997  1.00 13.02 ? 64  TRP A CG  1 
ATOM   404 C CD1 . TRP A 1 55 ? -4.460  8.737   14.092  1.00 12.96 ? 64  TRP A CD1 1 
ATOM   405 C CD2 . TRP A 1 55 ? -2.523  9.691   13.456  1.00 13.06 ? 64  TRP A CD2 1 
ATOM   406 N NE1 . TRP A 1 55 ? -3.642  8.814   15.196  1.00 12.92 ? 64  TRP A NE1 1 
ATOM   407 C CE2 . TRP A 1 55 ? -2.450  9.389   14.833  1.00 11.95 ? 64  TRP A CE2 1 
ATOM   408 C CE3 . TRP A 1 55 ? -1.415  10.299  12.834  1.00 12.88 ? 64  TRP A CE3 1 
ATOM   409 C CZ2 . TRP A 1 55 ? -1.309  9.671   15.597  1.00 12.43 ? 64  TRP A CZ2 1 
ATOM   410 C CZ3 . TRP A 1 55 ? -0.289  10.578  13.589  1.00 12.62 ? 64  TRP A CZ3 1 
ATOM   411 C CH2 . TRP A 1 55 ? -0.242  10.261  14.963  1.00 12.85 ? 64  TRP A CH2 1 
ATOM   412 N N   . LYS A 1 56 ? -1.772  7.433   11.171  1.00 11.72 ? 65  LYS A N   1 
ATOM   413 C CA  . LYS A 1 56 ? -0.330  7.372   10.943  1.00 10.56 ? 65  LYS A CA  1 
ATOM   414 C C   . LYS A 1 56 ? -0.018  6.461   9.751   1.00 10.77 ? 65  LYS A C   1 
ATOM   415 O O   . LYS A 1 56 ? 0.893   6.756   8.970   1.00 10.61 ? 65  LYS A O   1 
ATOM   416 C CB  . LYS A 1 56 ? 0.389   6.893   12.211  1.00 11.57 ? 65  LYS A CB  1 
ATOM   417 C CG  . LYS A 1 56 ? 1.911   6.952   12.109  1.00 12.86 ? 65  LYS A CG  1 
ATOM   418 C CD  . LYS A 1 56 ? 2.371   8.366   11.758  1.00 15.74 ? 65  LYS A CD  1 
ATOM   419 C CE  . LYS A 1 56 ? 3.892   8.511   11.668  1.00 17.42 ? 65  LYS A CE  1 
ATOM   420 N NZ  . LYS A 1 56 ? 4.290   9.933   11.399  1.00 18.64 ? 65  LYS A NZ  1 
ATOM   421 N N   . GLN A 1 57 ? -0.762  5.371   9.618   1.00 10.05 ? 66  GLN A N   1 
ATOM   422 C CA  . GLN A 1 57 ? -0.600  4.511   8.450   1.00 9.98  ? 66  GLN A CA  1 
ATOM   423 C C   . GLN A 1 57 ? -0.850  5.370   7.208   1.00 10.57 ? 66  GLN A C   1 
ATOM   424 O O   . GLN A 1 57 ? -0.095  5.307   6.218   1.00 11.04 ? 66  GLN A O   1 
ATOM   425 C CB  . GLN A 1 57 ? -1.630  3.378   8.460   1.00 10.53 ? 66  GLN A CB  1 
ATOM   426 C CG  . GLN A 1 57 ? -1.390  2.362   9.556   1.00 12.55 ? 66  GLN A CG  1 
ATOM   427 C CD  . GLN A 1 57 ? -2.448  1.294   9.581   1.00 14.30 ? 66  GLN A CD  1 
ATOM   428 O OE1 . GLN A 1 57 ? -2.765  0.716   8.543   1.00 17.67 ? 66  GLN A OE1 1 
ATOM   429 N NE2 . GLN A 1 57 ? -2.996  1.010   10.755  1.00 14.86 ? 66  GLN A NE2 1 
ATOM   430 N N   . GLN A 1 58 ? -1.927  6.157   7.247   1.00 11.23 ? 67  GLN A N   1 
ATOM   431 C CA  . GLN A 1 58 ? -2.284  7.028   6.133   1.00 11.71 ? 67  GLN A CA  1 
ATOM   432 C C   . GLN A 1 58 ? -1.210  8.055   5.850   1.00 12.02 ? 67  GLN A C   1 
ATOM   433 O O   . GLN A 1 58 ? -0.844  8.263   4.700   1.00 12.34 ? 67  GLN A O   1 
ATOM   434 C CB  . GLN A 1 58 ? -3.611  7.746   6.412   1.00 13.08 ? 67  GLN A CB  1 
ATOM   435 C CG  . GLN A 1 58 ? -4.815  6.838   6.378   1.00 15.35 ? 67  GLN A CG  1 
ATOM   436 C CD  . GLN A 1 58 ? -6.073  7.546   6.810   1.00 17.63 ? 67  GLN A CD  1 
ATOM   437 O OE1 . GLN A 1 58 ? -6.024  8.569   7.503   1.00 21.22 ? 67  GLN A OE1 1 
ATOM   438 N NE2 . GLN A 1 58 ? -7.211  6.996   6.424   1.00 21.07 ? 67  GLN A NE2 1 
ATOM   439 N N   . ASN A 1 59 ? -0.698  8.696   6.895   1.00 12.10 ? 68  ASN A N   1 
ATOM   440 C CA  . ASN A 1 59 ? 0.329   9.709   6.704   1.00 11.90 ? 68  ASN A CA  1 
ATOM   441 C C   . ASN A 1 59 ? 1.589   9.132   6.086   1.00 11.54 ? 68  ASN A C   1 
ATOM   442 O O   . ASN A 1 59 ? 2.198   9.761   5.223   1.00 12.33 ? 68  ASN A O   1 
ATOM   443 C CB  . ASN A 1 59 ? 0.632   10.426  8.022   1.00 12.32 ? 68  ASN A CB  1 
ATOM   444 C CG  . ASN A 1 59 ? -0.521  11.313  8.479   1.00 13.95 ? 68  ASN A CG  1 
ATOM   445 O OD1 . ASN A 1 59 ? -1.495  11.509  7.755   1.00 18.01 ? 68  ASN A OD1 1 
ATOM   446 N ND2 . ASN A 1 59 ? -0.401  11.851  9.681   1.00 16.50 ? 68  ASN A ND2 1 
ATOM   447 N N   . LEU A 1 60 ? 1.987   7.946   6.525   1.00 11.30 ? 69  LEU A N   1 
ATOM   448 C CA  . LEU A 1 60 ? 3.161   7.314   5.942   1.00 11.46 ? 69  LEU A CA  1 
ATOM   449 C C   . LEU A 1 60 ? 2.923   7.016   4.472   1.00 12.13 ? 69  LEU A C   1 
ATOM   450 O O   . LEU A 1 60 ? 3.791   7.241   3.616   1.00 12.78 ? 69  LEU A O   1 
ATOM   451 C CB  . LEU A 1 60 ? 3.480   6.024   6.686   1.00 11.04 ? 69  LEU A CB  1 
ATOM   452 C CG  . LEU A 1 60 ? 4.114   6.220   8.064   1.00 11.75 ? 69  LEU A CG  1 
ATOM   453 C CD1 . LEU A 1 60 ? 4.103   4.917   8.809   1.00 13.33 ? 69  LEU A CD1 1 
ATOM   454 C CD2 . LEU A 1 60 ? 5.555   6.725   7.920   1.00 12.76 ? 69  LEU A CD2 1 
ATOM   455 N N   . LYS A 1 61 ? 1.729   6.530   4.167   1.00 10.61 ? 70  LYS A N   1 
ATOM   456 C CA  . LYS A 1 61 ? 1.382   6.189   2.796   1.00 11.49 ? 70  LYS A CA  1 
ATOM   457 C C   . LYS A 1 61 ? 1.322   7.400   1.877   1.00 11.52 ? 70  LYS A C   1 
ATOM   458 O O   . LYS A 1 61 ? 1.686   7.305   0.711   1.00 11.01 ? 70  LYS A O   1 
ATOM   459 C CB  . LYS A 1 61 ? 0.037   5.444   2.770   1.00 10.99 ? 70  LYS A CB  1 
ATOM   460 C CG  . LYS A 1 61 ? 0.137   3.988   3.215   1.00 12.51 ? 70  LYS A CG  1 
ATOM   461 C CD  . LYS A 1 61 ? -1.233  3.417   3.644   1.00 15.75 ? 70  LYS A CD  1 
ATOM   462 C CE  . LYS A 1 61 ? -2.246  3.478   2.542   1.00 17.80 ? 70  LYS A CE  1 
ATOM   463 N NZ  . LYS A 1 61 ? -3.466  2.714   2.973   1.00 15.24 ? 70  LYS A NZ  1 
ATOM   464 N N   . LYS A 1 62 ? 0.875   8.543   2.385   1.00 12.61 ? 71  LYS A N   1 
ATOM   465 C CA  . LYS A 1 62 ? 0.770   9.734   1.542   1.00 13.05 ? 71  LYS A CA  1 
ATOM   466 C C   . LYS A 1 62 ? 2.095   10.103  0.907   1.00 13.35 ? 71  LYS A C   1 
ATOM   467 O O   . LYS A 1 62 ? 2.157   10.322  -0.293  1.00 12.50 ? 71  LYS A O   1 
ATOM   468 C CB  . LYS A 1 62 ? 0.244   10.923  2.348   1.00 15.49 ? 71  LYS A CB  1 
ATOM   469 C CG  . LYS A 1 62 ? -1.189  10.778  2.775   1.00 19.20 ? 71  LYS A CG  1 
ATOM   470 C CD  . LYS A 1 62 ? -1.563  11.859  3.780   1.00 22.96 ? 71  LYS A CD  1 
ATOM   471 C CE  . LYS A 1 62 ? -2.791  11.442  4.578   1.00 25.10 ? 71  LYS A CE  1 
ATOM   472 N NZ  . LYS A 1 62 ? -3.071  12.383  5.694   1.00 29.27 ? 71  LYS A NZ  1 
ATOM   473 N N   . GLU A 1 63 ? 3.153   10.166  1.706   1.00 13.03 ? 72  GLU A N   1 
ATOM   474 C CA  . GLU A 1 63 ? 4.467   10.515  1.188   1.00 14.68 ? 72  GLU A CA  1 
ATOM   475 C C   . GLU A 1 63 ? 4.968   9.503   0.153   1.00 12.36 ? 72  GLU A C   1 
ATOM   476 O O   . GLU A 1 63 ? 5.665   9.859   -0.801  1.00 12.22 ? 72  GLU A O   1 
ATOM   477 C CB  . GLU A 1 63 ? 5.484   10.564  2.334   1.00 17.77 ? 72  GLU A CB  1 
ATOM   478 C CG  . GLU A 1 63 ? 5.079   11.439  3.508   1.00 24.04 ? 72  GLU A CG  1 
ATOM   479 C CD  . GLU A 1 63 ? 4.773   12.845  3.078   1.00 27.29 ? 72  GLU A CD  1 
ATOM   480 O OE1 . GLU A 1 63 ? 3.590   13.243  3.148   1.00 29.08 ? 72  GLU A OE1 1 
ATOM   481 O OE2 . GLU A 1 63 ? 5.716   13.552  2.661   1.00 30.60 ? 72  GLU A OE2 1 
ATOM   482 N N   . LYS A 1 64 ? 4.605   8.241   0.372   1.00 11.27 ? 73  LYS A N   1 
ATOM   483 C CA  . LYS A 1 64 ? 5.013   7.130   -0.474  1.00 9.98  ? 73  LYS A CA  1 
ATOM   484 C C   . LYS A 1 64 ? 4.151   6.924   -1.724  1.00 10.25 ? 73  LYS A C   1 
ATOM   485 O O   . LYS A 1 64 ? 4.410   6.018   -2.503  1.00 11.22 ? 73  LYS A O   1 
ATOM   486 C CB  . LYS A 1 64 ? 5.059   5.868   0.389   1.00 10.45 ? 73  LYS A CB  1 
ATOM   487 C CG  . LYS A 1 64 ? 6.089   5.971   1.531   1.00 9.91  ? 73  LYS A CG  1 
ATOM   488 C CD  . LYS A 1 64 ? 5.873   4.870   2.541   1.00 10.14 ? 73  LYS A CD  1 
ATOM   489 C CE  . LYS A 1 64 ? 6.768   4.995   3.771   1.00 10.86 ? 73  LYS A CE  1 
ATOM   490 N NZ  . LYS A 1 64 ? 8.214   4.699   3.471   1.00 11.35 ? 73  LYS A NZ  1 
ATOM   491 N N   . GLY A 1 65 ? 3.149   7.779   -1.913  1.00 10.28 ? 74  GLY A N   1 
ATOM   492 C CA  . GLY A 1 65 ? 2.288   7.683   -3.086  1.00 11.18 ? 74  GLY A CA  1 
ATOM   493 C C   . GLY A 1 65 ? 1.246   6.588   -3.024  1.00 10.32 ? 74  GLY A C   1 
ATOM   494 O O   . GLY A 1 65 ? 0.631   6.279   -4.044  1.00 11.26 ? 74  GLY A O   1 
ATOM   495 N N   . LEU A 1 66 ? 1.019   6.024   -1.841  1.00 10.42 ? 75  LEU A N   1 
ATOM   496 C CA  . LEU A 1 66 ? 0.092   4.913   -1.667  1.00 11.68 ? 75  LEU A CA  1 
ATOM   497 C C   . LEU A 1 66 ? -1.215  5.256   -0.962  1.00 11.30 ? 75  LEU A C   1 
ATOM   498 O O   . LEU A 1 66 ? -2.003  4.346   -0.682  1.00 12.78 ? 75  LEU A O   1 
ATOM   499 C CB  . LEU A 1 66 ? 0.793   3.793   -0.894  1.00 11.20 ? 75  LEU A CB  1 
ATOM   500 C CG  . LEU A 1 66 ? 1.909   3.116   -1.704  1.00 10.71 ? 75  LEU A CG  1 
ATOM   501 C CD1 . LEU A 1 66 ? 2.789   2.245   -0.811  1.00 12.36 ? 75  LEU A CD1 1 
ATOM   502 C CD2 . LEU A 1 66 ? 1.282   2.278   -2.820  1.00 12.48 ? 75  LEU A CD2 1 
ATOM   503 N N   . PHE A 1 67 ? -1.458  6.530   -0.674  1.00 11.21 ? 76  PHE A N   1 
ATOM   504 C CA  . PHE A 1 67 ? -2.689  6.920   0.013   1.00 15.78 ? 76  PHE A CA  1 
ATOM   505 C C   . PHE A 1 67 ? -3.931  6.811   -0.857  1.00 19.14 ? 76  PHE A C   1 
ATOM   506 O O   . PHE A 1 67 ? -3.861  7.151   -2.052  1.00 22.35 ? 76  PHE A O   1 
ATOM   507 C CB  . PHE A 1 67 ? -2.560  8.342   0.563   1.00 19.42 ? 76  PHE A CB  1 
ATOM   508 C CG  . PHE A 1 67 ? -3.801  8.842   1.259   1.00 19.08 ? 76  PHE A CG  1 
ATOM   509 C CD1 . PHE A 1 67 ? -4.208  8.305   2.484   1.00 19.30 ? 76  PHE A CD1 1 
ATOM   510 C CD2 . PHE A 1 67 ? -4.571  9.844   0.681   1.00 22.07 ? 76  PHE A CD2 1 
ATOM   511 C CE1 . PHE A 1 67 ? -5.374  8.774   3.122   1.00 20.99 ? 76  PHE A CE1 1 
ATOM   512 C CE2 . PHE A 1 67 ? -5.730  10.321  1.306   1.00 24.08 ? 76  PHE A CE2 1 
ATOM   513 C CZ  . PHE A 1 67 ? -6.133  9.787   2.527   1.00 22.16 ? 76  PHE A CZ  1 
ATOM   514 O OXT . PHE A 1 67 ? -4.964  6.381   -0.302  1.00 22.95 ? 76  PHE A OXT 1 
HETATM 515 O O   . HOH B 2 .  ? 11.163  3.122   2.510   1.00 13.59 ? 101 HOH A O   1 
HETATM 516 O O   . HOH B 2 .  ? 3.530   -0.643  15.338  1.00 12.85 ? 102 HOH A O   1 
HETATM 517 O O   . HOH B 2 .  ? 2.695   9.365   -11.796 1.00 14.39 ? 103 HOH A O   1 
HETATM 518 O O   . HOH B 2 .  ? -4.223  2.958   0.144   1.00 13.72 ? 104 HOH A O   1 
HETATM 519 O O   . HOH B 2 .  ? 4.259   -5.735  -5.226  1.00 16.07 ? 105 HOH A O   1 
HETATM 520 O O   . HOH B 2 .  ? 7.953   5.040   -8.740  1.00 14.12 ? 106 HOH A O   1 
HETATM 521 O O   . HOH B 2 .  ? -0.509  -5.443  4.566   1.00 19.23 ? 107 HOH A O   1 
HETATM 522 O O   . HOH B 2 .  ? 12.428  -6.142  0.510   1.00 16.61 ? 108 HOH A O   1 
HETATM 523 O O   . HOH B 2 .  ? 13.358  -2.652  4.095   1.00 16.65 ? 109 HOH A O   1 
HETATM 524 O O   . HOH B 2 .  ? 7.632   -4.012  -7.611  1.00 17.51 ? 110 HOH A O   1 
HETATM 525 O O   . HOH B 2 .  ? -12.954 -2.111  -7.823  1.00 16.25 ? 111 HOH A O   1 
HETATM 526 O O   . HOH B 2 .  ? 7.328   -1.562  -8.983  1.00 15.83 ? 112 HOH A O   1 
HETATM 527 O O   . HOH B 2 .  ? -0.527  -4.146  7.166   1.00 19.74 ? 113 HOH A O   1 
HETATM 528 O O   . HOH B 2 .  ? 3.090   -9.358  9.809   1.00 16.79 ? 114 HOH A O   1 
HETATM 529 O O   . HOH B 2 .  ? 6.785   -8.193  4.168   1.00 18.14 ? 115 HOH A O   1 
HETATM 530 O O   . HOH B 2 .  ? 7.845   -6.521  6.038   1.00 18.45 ? 116 HOH A O   1 
HETATM 531 O O   . HOH B 2 .  ? 4.921   -9.025  7.547   1.00 17.76 ? 117 HOH A O   1 
HETATM 532 O O   . HOH B 2 .  ? -2.170  6.243   -4.119  1.00 20.01 ? 118 HOH A O   1 
HETATM 533 O O   . HOH B 2 .  ? 7.388   -11.199 -1.962  1.00 21.15 ? 119 HOH A O   1 
HETATM 534 O O   . HOH B 2 .  ? -0.220  9.051   -1.785  1.00 19.63 ? 120 HOH A O   1 
HETATM 535 O O   . HOH B 2 .  ? 2.170   11.948  11.042  1.00 20.64 ? 121 HOH A O   1 
HETATM 536 O O   . HOH B 2 .  ? -4.243  10.737  7.704   1.00 23.18 ? 122 HOH A O   1 
HETATM 537 O O   . HOH B 2 .  ? 7.765   1.457   -14.269 1.00 19.13 ? 123 HOH A O   1 
HETATM 538 O O   . HOH B 2 .  ? -7.639  -6.933  -10.390 1.00 19.93 ? 124 HOH A O   1 
HETATM 539 O O   . HOH B 2 .  ? 1.194   8.768   -6.408  1.00 20.14 ? 125 HOH A O   1 
HETATM 540 O O   . HOH B 2 .  ? 13.408  -7.383  -6.506  1.00 18.77 ? 126 HOH A O   1 
HETATM 541 O O   . HOH B 2 .  ? -3.858  1.102   6.106   1.00 23.13 ? 127 HOH A O   1 
HETATM 542 O O   . HOH B 2 .  ? -5.793  5.289   -3.150  1.00 22.78 ? 128 HOH A O   1 
HETATM 543 O O   . HOH B 2 .  ? 5.966   3.627   -2.353  1.00 21.52 ? 129 HOH A O   1 
HETATM 544 O O   . HOH B 2 .  ? -8.726  -4.470  2.199   1.00 23.27 ? 130 HOH A O   1 
HETATM 545 O O   . HOH B 2 .  ? 3.496   -7.062  15.159  1.00 27.90 ? 131 HOH A O   1 
HETATM 546 O O   . HOH B 2 .  ? -4.609  3.550   5.397   1.00 22.57 ? 132 HOH A O   1 
HETATM 547 O O   . HOH B 2 .  ? -5.118  4.972   -7.443  1.00 20.98 ? 133 HOH A O   1 
HETATM 548 O O   . HOH B 2 .  ? -7.659  -8.683  -4.521  1.00 24.81 ? 134 HOH A O   1 
HETATM 549 O O   . HOH B 2 .  ? 4.064   10.216  8.466   1.00 22.42 ? 135 HOH A O   1 
HETATM 550 O O   . HOH B 2 .  ? -12.480 5.002   -7.682  1.00 21.90 ? 136 HOH A O   1 
HETATM 551 O O   . HOH B 2 .  ? 1.300   9.161   -9.117  1.00 20.51 ? 137 HOH A O   1 
HETATM 552 O O   . HOH B 2 .  ? 6.068   8.640   4.715   1.00 20.51 ? 138 HOH A O   1 
HETATM 553 O O   . HOH B 2 .  ? -5.054  -1.123  11.362  1.00 25.51 ? 139 HOH A O   1 
HETATM 554 O O   . HOH B 2 .  ? 4.314   -11.815 -1.520  1.00 26.86 ? 140 HOH A O   1 
HETATM 555 O O   . HOH B 2 .  ? -4.259  0.461   14.837  1.00 24.23 ? 141 HOH A O   1 
HETATM 556 O O   . HOH B 2 .  ? -1.452  -6.785  14.180  1.00 27.59 ? 142 HOH A O   1 
HETATM 557 O O   . HOH B 2 .  ? 4.587   -9.699  4.887   1.00 19.99 ? 143 HOH A O   1 
HETATM 558 O O   . HOH B 2 .  ? 7.518   -8.282  -5.745  1.00 25.17 ? 144 HOH A O   1 
HETATM 559 O O   . HOH B 2 .  ? -9.361  -10.412 -6.246  1.00 29.72 ? 145 HOH A O   1 
HETATM 560 O O   . HOH B 2 .  ? -3.514  5.104   -15.169 1.00 32.37 ? 146 HOH A O   1 
HETATM 561 O O   . HOH B 2 .  ? -7.568  7.008   -0.564  1.00 32.67 ? 147 HOH A O   1 
HETATM 562 O O   . HOH B 2 .  ? -5.342  5.698   2.277   1.00 33.51 ? 148 HOH A O   1 
HETATM 563 O O   . HOH B 2 .  ? 8.112   4.941   -1.069  1.00 18.18 ? 149 HOH A O   1 
HETATM 564 O O   . HOH B 2 .  ? -9.464  5.073   -0.742  1.00 32.07 ? 150 HOH A O   1 
HETATM 565 O O   . HOH B 2 .  ? 6.416   10.117  6.972   1.00 22.34 ? 151 HOH A O   1 
HETATM 566 O O   . HOH B 2 .  ? 0.543   -10.131 9.417   1.00 28.06 ? 152 HOH A O   1 
HETATM 567 O O   . HOH B 2 .  ? -9.293  8.401   -12.463 1.00 26.76 ? 153 HOH A O   1 
HETATM 568 O O   . HOH B 2 .  ? 4.755   -7.602  -7.204  1.00 27.42 ? 154 HOH A O   1 
HETATM 569 O O   . HOH B 2 .  ? -2.192  -6.521  7.703   1.00 28.06 ? 155 HOH A O   1 
HETATM 570 O O   . HOH B 2 .  ? -10.307 -0.690  3.723   1.00 25.69 ? 156 HOH A O   1 
HETATM 571 O O   . HOH B 2 .  ? -10.074 -9.024  -10.089 1.00 26.00 ? 157 HOH A O   1 
HETATM 572 O O   . HOH B 2 .  ? 4.575   -10.518 11.903  1.00 28.61 ? 158 HOH A O   1 
HETATM 573 O O   . HOH B 2 .  ? -10.132 3.480   -7.531  1.00 25.73 ? 159 HOH A O   1 
HETATM 574 O O   . HOH B 2 .  ? 1.771   -7.880  17.107  1.00 31.89 ? 160 HOH A O   1 
HETATM 575 O O   . HOH B 2 .  ? -14.308 6.692   -14.278 1.00 30.76 ? 161 HOH A O   1 
HETATM 576 O O   . HOH B 2 .  ? -2.866  -7.457  11.800  1.00 30.73 ? 162 HOH A O   1 
HETATM 577 O O   . HOH B 2 .  ? 1.725   -12.033 2.660   1.00 33.97 ? 163 HOH A O   1 
HETATM 578 O O   . HOH B 2 .  ? 9.408   -12.270 -0.094  1.00 26.08 ? 164 HOH A O   1 
HETATM 579 O O   . HOH B 2 .  ? 8.895   -10.424 3.993   1.00 27.12 ? 165 HOH A O   1 
HETATM 580 O O   . HOH B 2 .  ? 2.049   12.540  5.209   1.00 24.80 ? 166 HOH A O   1 
HETATM 581 O O   . HOH B 2 .  ? 8.038   13.011  2.361   1.00 23.94 ? 167 HOH A O   1 
HETATM 582 O O   . HOH B 2 .  ? -3.826  -4.249  15.977  1.00 31.82 ? 168 HOH A O   1 
HETATM 583 O O   . HOH B 2 .  ? -9.302  8.798   -15.142 1.00 35.44 ? 169 HOH A O   1 
HETATM 584 O O   . HOH B 2 .  ? -1.186  -8.040  9.707   1.00 32.88 ? 170 HOH A O   1 
HETATM 585 O O   . HOH B 2 .  ? -12.033 -9.909  -6.560  1.00 31.55 ? 171 HOH A O   1 
HETATM 586 O O   . HOH B 2 .  ? 10.526  -5.603  -5.462  1.00 34.19 ? 172 HOH A O   1 
HETATM 587 O O   . HOH B 2 .  ? 13.835  -4.533  5.999   1.00 20.16 ? 173 HOH A O   1 
HETATM 588 O O   . HOH B 2 .  ? -9.479  -4.537  -13.356 1.00 25.00 ? 174 HOH A O   1 
HETATM 589 O O   . HOH B 2 .  ? 11.193  -11.828 -2.612  1.00 28.24 ? 175 HOH A O   1 
HETATM 590 O O   . HOH B 2 .  ? -6.882  6.348   -5.547  1.00 27.83 ? 176 HOH A O   1 
HETATM 591 O O   . HOH B 2 .  ? -2.428  -2.532  6.571   1.00 32.71 ? 177 HOH A O   1 
HETATM 592 O O   . HOH B 2 .  ? -9.638  -7.866  -12.997 1.00 37.94 ? 178 HOH A O   1 
HETATM 593 O O   . HOH B 2 .  ? -9.933  -1.426  -7.320  1.00 23.29 ? 179 HOH A O   1 
HETATM 594 O O   . HOH B 2 .  ? -10.671 1.112   -6.695  1.00 28.01 ? 180 HOH A O   1 
HETATM 595 O O   . HOH B 2 .  ? 9.260   -6.949  -7.060  1.00 38.13 ? 181 HOH A O   1 
HETATM 596 O O   . HOH B 2 .  ? 8.002   -12.775 4.249   1.00 36.75 ? 182 HOH A O   1 
# 
loop_
_pdbx_poly_seq_scheme.asym_id 
_pdbx_poly_seq_scheme.entity_id 
_pdbx_poly_seq_scheme.seq_id 
_pdbx_poly_seq_scheme.mon_id 
_pdbx_poly_seq_scheme.ndb_seq_num 
_pdbx_poly_seq_scheme.pdb_seq_num 
_pdbx_poly_seq_scheme.auth_seq_num 
_pdbx_poly_seq_scheme.pdb_mon_id 
_pdbx_poly_seq_scheme.auth_mon_id 
_pdbx_poly_seq_scheme.pdb_strand_id 
_pdbx_poly_seq_scheme.pdb_ins_code 
_pdbx_poly_seq_scheme.hetero 
A 1 1  PRO 1  10 ?  ?   ?   A . n 
A 1 2  THR 2  11 ?  ?   ?   A . n 
A 1 3  LYS 3  12 ?  ?   ?   A . n 
A 1 4  LEU 4  13 13 LEU LEU A . n 
A 1 5  GLU 5  14 14 GLU GLU A . n 
A 1 6  THR 6  15 15 THR THR A . n 
A 1 7  PHE 7  16 16 PHE PHE A . n 
A 1 8  PRO 8  17 17 PRO PRO A . n 
A 1 9  LEU 9  18 18 LEU LEU A . n 
A 1 10 ASP 10 19 19 ASP ASP A . n 
A 1 11 VAL 11 20 20 VAL VAL A . n 
A 1 12 LEU 12 21 21 LEU LEU A . n 
A 1 13 VAL 13 22 22 VAL VAL A . n 
A 1 14 ASN 14 23 23 ASN ASN A . n 
A 1 15 THR 15 24 24 THR THR A . n 
A 1 16 ALA 16 25 25 ALA ALA A . n 
A 1 17 ALA 17 26 26 ALA ALA A . n 
A 1 18 GLU 18 27 27 GLU GLU A . n 
A 1 19 ASP 19 28 28 ASP ASP A . n 
A 1 20 LEU 20 29 29 LEU LEU A . n 
A 1 21 PRO 21 30 30 PRO PRO A . n 
A 1 22 ARG 22 31 31 ARG ARG A . n 
A 1 23 GLY 23 32 32 GLY GLY A . n 
A 1 24 VAL 24 33 33 VAL VAL A . n 
A 1 25 ASP 25 34 34 ASP ASP A . n 
A 1 26 PRO 26 35 35 PRO PRO A . n 
A 1 27 SER 27 36 36 SER SER A . n 
A 1 28 ARG 28 37 37 ARG ARG A . n 
A 1 29 LYS 29 38 38 LYS LYS A . n 
A 1 30 GLU 30 39 39 GLU GLU A . n 
A 1 31 ASN 31 40 40 ASN ASN A . n 
A 1 32 HIS 32 41 41 HIS HIS A . n 
A 1 33 LEU 33 42 42 LEU LEU A . n 
A 1 34 SER 34 43 43 SER SER A . n 
A 1 35 ASP 35 44 44 ASP ASP A . n 
A 1 36 GLU 36 45 45 GLU GLU A . n 
A 1 37 ASP 37 46 46 ASP ASP A . n 
A 1 38 PHE 38 47 47 PHE PHE A . n 
A 1 39 LYS 39 48 48 LYS LYS A . n 
A 1 40 ALA 40 49 49 ALA ALA A . n 
A 1 41 VAL 41 50 50 VAL VAL A . n 
A 1 42 PHE 42 51 51 PHE PHE A . n 
A 1 43 GLY 43 52 52 GLY GLY A . n 
A 1 44 MET 44 53 53 MET MET A . n 
A 1 45 THR 45 54 54 THR THR A . n 
A 1 46 ARG 46 55 55 ARG ARG A . n 
A 1 47 SER 47 56 56 SER SER A . n 
A 1 48 ALA 48 57 57 ALA ALA A . n 
A 1 49 PHE 49 58 58 PHE PHE A . n 
A 1 50 ALA 50 59 59 ALA ALA A . n 
A 1 51 ASN 51 60 60 ASN ASN A . n 
A 1 52 LEU 52 61 61 LEU LEU A . n 
A 1 53 PRO 53 62 62 PRO PRO A . n 
A 1 54 LEU 54 63 63 LEU LEU A . n 
A 1 55 TRP 55 64 64 TRP TRP A . n 
A 1 56 LYS 56 65 65 LYS LYS A . n 
A 1 57 GLN 57 66 66 GLN GLN A . n 
A 1 58 GLN 58 67 67 GLN GLN A . n 
A 1 59 ASN 59 68 68 ASN ASN A . n 
A 1 60 LEU 60 69 69 LEU LEU A . n 
A 1 61 LYS 61 70 70 LYS LYS A . n 
A 1 62 LYS 62 71 71 LYS LYS A . n 
A 1 63 GLU 63 72 72 GLU GLU A . n 
A 1 64 LYS 64 73 73 LYS LYS A . n 
A 1 65 GLY 65 74 74 GLY GLY A . n 
A 1 66 LEU 66 75 75 LEU LEU A . n 
A 1 67 PHE 67 76 76 PHE PHE A . n 
# 
loop_
_pdbx_nonpoly_scheme.asym_id 
_pdbx_nonpoly_scheme.entity_id 
_pdbx_nonpoly_scheme.mon_id 
_pdbx_nonpoly_scheme.ndb_seq_num 
_pdbx_nonpoly_scheme.pdb_seq_num 
_pdbx_nonpoly_scheme.auth_seq_num 
_pdbx_nonpoly_scheme.pdb_mon_id 
_pdbx_nonpoly_scheme.auth_mon_id 
_pdbx_nonpoly_scheme.pdb_strand_id 
_pdbx_nonpoly_scheme.pdb_ins_code 
B 2 HOH 1  101 101 HOH HOH A . 
B 2 HOH 2  102 102 HOH HOH A . 
B 2 HOH 3  103 103 HOH HOH A . 
B 2 HOH 4  104 104 HOH HOH A . 
B 2 HOH 5  105 105 HOH HOH A . 
B 2 HOH 6  106 106 HOH HOH A . 
B 2 HOH 7  107 107 HOH HOH A . 
B 2 HOH 8  108 108 HOH HOH A . 
B 2 HOH 9  109 109 HOH HOH A . 
B 2 HOH 10 110 110 HOH HOH A . 
B 2 HOH 11 111 111 HOH HOH A . 
B 2 HOH 12 112 112 HOH HOH A . 
B 2 HOH 13 113 113 HOH HOH A . 
B 2 HOH 14 114 114 HOH HOH A . 
B 2 HOH 15 115 115 HOH HOH A . 
B 2 HOH 16 116 116 HOH HOH A . 
B 2 HOH 17 117 117 HOH HOH A . 
B 2 HOH 18 118 118 HOH HOH A . 
B 2 HOH 19 119 119 HOH HOH A . 
B 2 HOH 20 120 120 HOH HOH A . 
B 2 HOH 21 121 121 HOH HOH A . 
B 2 HOH 22 122 122 HOH HOH A . 
B 2 HOH 23 123 123 HOH HOH A . 
B 2 HOH 24 124 124 HOH HOH A . 
B 2 HOH 25 125 125 HOH HOH A . 
B 2 HOH 26 126 126 HOH HOH A . 
B 2 HOH 27 127 127 HOH HOH A . 
B 2 HOH 28 128 128 HOH HOH A . 
B 2 HOH 29 129 129 HOH HOH A . 
B 2 HOH 30 130 130 HOH HOH A . 
B 2 HOH 31 131 131 HOH HOH A . 
B 2 HOH 32 132 132 HOH HOH A . 
B 2 HOH 33 133 133 HOH HOH A . 
B 2 HOH 34 134 134 HOH HOH A . 
B 2 HOH 35 135 135 HOH HOH A . 
B 2 HOH 36 136 136 HOH HOH A . 
B 2 HOH 37 137 137 HOH HOH A . 
B 2 HOH 38 138 138 HOH HOH A . 
B 2 HOH 39 139 139 HOH HOH A . 
B 2 HOH 40 140 140 HOH HOH A . 
B 2 HOH 41 141 141 HOH HOH A . 
B 2 HOH 42 142 142 HOH HOH A . 
B 2 HOH 43 143 143 HOH HOH A . 
B 2 HOH 44 144 144 HOH HOH A . 
B 2 HOH 45 145 145 HOH HOH A . 
B 2 HOH 46 146 146 HOH HOH A . 
B 2 HOH 47 147 147 HOH HOH A . 
B 2 HOH 48 148 148 HOH HOH A . 
B 2 HOH 49 149 149 HOH HOH A . 
B 2 HOH 50 150 150 HOH HOH A . 
B 2 HOH 51 151 151 HOH HOH A . 
B 2 HOH 52 152 152 HOH HOH A . 
B 2 HOH 53 153 153 HOH HOH A . 
B 2 HOH 54 154 154 HOH HOH A . 
B 2 HOH 55 155 155 HOH HOH A . 
B 2 HOH 56 156 156 HOH HOH A . 
B 2 HOH 57 157 157 HOH HOH A . 
B 2 HOH 58 158 158 HOH HOH A . 
B 2 HOH 59 159 159 HOH HOH A . 
B 2 HOH 60 160 160 HOH HOH A . 
B 2 HOH 61 161 161 HOH HOH A . 
B 2 HOH 62 162 162 HOH HOH A . 
B 2 HOH 63 163 163 HOH HOH A . 
B 2 HOH 64 164 164 HOH HOH A . 
B 2 HOH 65 165 165 HOH HOH A . 
B 2 HOH 66 166 166 HOH HOH A . 
B 2 HOH 67 167 167 HOH HOH A . 
B 2 HOH 68 168 168 HOH HOH A . 
B 2 HOH 69 169 169 HOH HOH A . 
B 2 HOH 70 170 170 HOH HOH A . 
B 2 HOH 71 171 171 HOH HOH A . 
B 2 HOH 72 172 172 HOH HOH A . 
B 2 HOH 73 173 173 HOH HOH A . 
B 2 HOH 74 174 174 HOH HOH A . 
B 2 HOH 75 175 175 HOH HOH A . 
B 2 HOH 76 176 176 HOH HOH A . 
B 2 HOH 77 177 177 HOH HOH A . 
B 2 HOH 78 178 178 HOH HOH A . 
B 2 HOH 79 179 179 HOH HOH A . 
B 2 HOH 80 180 180 HOH HOH A . 
B 2 HOH 81 181 181 HOH HOH A . 
B 2 HOH 82 182 182 HOH HOH A . 
# 
_pdbx_struct_assembly.id                   1 
_pdbx_struct_assembly.details              author_and_software_defined_assembly 
_pdbx_struct_assembly.method_details       PISA 
_pdbx_struct_assembly.oligomeric_details   monomeric 
_pdbx_struct_assembly.oligomeric_count     1 
# 
_pdbx_struct_assembly_gen.assembly_id       1 
_pdbx_struct_assembly_gen.oper_expression   1 
_pdbx_struct_assembly_gen.asym_id_list      A,B 
# 
_pdbx_struct_oper_list.id                   1 
_pdbx_struct_oper_list.type                 'identity operation' 
_pdbx_struct_oper_list.name                 1_555 
_pdbx_struct_oper_list.symmetry_operation   x,y,z 
_pdbx_struct_oper_list.matrix[1][1]         1.0000000000 
_pdbx_struct_oper_list.matrix[1][2]         0.0000000000 
_pdbx_struct_oper_list.matrix[1][3]         0.0000000000 
_pdbx_struct_oper_list.vector[1]            0.0000000000 
_pdbx_struct_oper_list.matrix[2][1]         0.0000000000 
_pdbx_struct_oper_list.matrix[2][2]         1.0000000000 
_pdbx_struct_oper_list.matrix[2][3]         0.0000000000 
_pdbx_struct_oper_list.vector[2]            0.0000000000 
_pdbx_struct_oper_list.matrix[3][1]         0.0000000000 
_pdbx_struct_oper_list.matrix[3][2]         0.0000000000 
_pdbx_struct_oper_list.matrix[3][3]         1.0000000000 
_pdbx_struct_oper_list.vector[3]            0.0000000000 
# 
loop_
_pdbx_audit_revision_history.ordinal 
_pdbx_audit_revision_history.data_content_type 
_pdbx_audit_revision_history.major_revision 
_pdbx_audit_revision_history.minor_revision 
_pdbx_audit_revision_history.revision_date 
1 'Structure model' 1 0 2008-09-23 
2 'Structure model' 1 1 2011-07-13 
3 'Structure model' 1 2 2023-08-30 
# 
_pdbx_audit_revision_details.ordinal             1 
_pdbx_audit_revision_details.revision_ordinal    1 
_pdbx_audit_revision_details.data_content_type   'Structure model' 
_pdbx_audit_revision_details.provider            repository 
_pdbx_audit_revision_details.type                'Initial release' 
_pdbx_audit_revision_details.description         ? 
_pdbx_audit_revision_details.details             ? 
# 
loop_
_pdbx_audit_revision_group.ordinal 
_pdbx_audit_revision_group.revision_ordinal 
_pdbx_audit_revision_group.data_content_type 
_pdbx_audit_revision_group.group 
1 2 'Structure model' 'Version format compliance' 
2 3 'Structure model' 'Data collection'           
3 3 'Structure model' 'Database references'       
4 3 'Structure model' 'Refinement description'    
# 
loop_
_pdbx_audit_revision_category.ordinal 
_pdbx_audit_revision_category.revision_ordinal 
_pdbx_audit_revision_category.data_content_type 
_pdbx_audit_revision_category.category 
1 3 'Structure model' chem_comp_atom                
2 3 'Structure model' chem_comp_bond                
3 3 'Structure model' database_2                    
4 3 'Structure model' pdbx_initial_refinement_model 
# 
loop_
_pdbx_audit_revision_item.ordinal 
_pdbx_audit_revision_item.revision_ordinal 
_pdbx_audit_revision_item.data_content_type 
_pdbx_audit_revision_item.item 
1 3 'Structure model' '_database_2.pdbx_DOI'                
2 3 'Structure model' '_database_2.pdbx_database_accession' 
# 
loop_
_software.name 
_software.classification 
_software.version 
_software.citation_id 
_software.pdbx_ordinal 
CNS       refinement       . ? 1 
DENZO     'data reduction' . ? 2 
SCALEPACK 'data scaling'   . ? 3 
CNS       phasing          . ? 4 
# 
_pdbx_validate_torsion.id              1 
_pdbx_validate_torsion.PDB_model_num   1 
_pdbx_validate_torsion.auth_comp_id    ASN 
_pdbx_validate_torsion.auth_asym_id    A 
_pdbx_validate_torsion.auth_seq_id     23 
_pdbx_validate_torsion.PDB_ins_code    ? 
_pdbx_validate_torsion.label_alt_id    ? 
_pdbx_validate_torsion.phi             -110.13 
_pdbx_validate_torsion.psi             59.15 
# 
loop_
_pdbx_unobs_or_zero_occ_residues.id 
_pdbx_unobs_or_zero_occ_residues.PDB_model_num 
_pdbx_unobs_or_zero_occ_residues.polymer_flag 
_pdbx_unobs_or_zero_occ_residues.occupancy_flag 
_pdbx_unobs_or_zero_occ_residues.auth_asym_id 
_pdbx_unobs_or_zero_occ_residues.auth_comp_id 
_pdbx_unobs_or_zero_occ_residues.auth_seq_id 
_pdbx_unobs_or_zero_occ_residues.PDB_ins_code 
_pdbx_unobs_or_zero_occ_residues.label_asym_id 
_pdbx_unobs_or_zero_occ_residues.label_comp_id 
_pdbx_unobs_or_zero_occ_residues.label_seq_id 
1 1 Y 1 A PRO 10 ? A PRO 1 
2 1 Y 1 A THR 11 ? A THR 2 
3 1 Y 1 A LYS 12 ? A LYS 3 
# 
loop_
_chem_comp_atom.comp_id 
_chem_comp_atom.atom_id 
_chem_comp_atom.type_symbol 
_chem_comp_atom.pdbx_aromatic_flag 
_chem_comp_atom.pdbx_stereo_config 
_chem_comp_atom.pdbx_ordinal 
ALA N    N N N 1   
ALA CA   C N S 2   
ALA C    C N N 3   
ALA O    O N N 4   
ALA CB   C N N 5   
ALA OXT  O N N 6   
ALA H    H N N 7   
ALA H2   H N N 8   
ALA HA   H N N 9   
ALA HB1  H N N 10  
ALA HB2  H N N 11  
ALA HB3  H N N 12  
ALA HXT  H N N 13  
ARG N    N N N 14  
ARG CA   C N S 15  
ARG C    C N N 16  
ARG O    O N N 17  
ARG CB   C N N 18  
ARG CG   C N N 19  
ARG CD   C N N 20  
ARG NE   N N N 21  
ARG CZ   C N N 22  
ARG NH1  N N N 23  
ARG NH2  N N N 24  
ARG OXT  O N N 25  
ARG H    H N N 26  
ARG H2   H N N 27  
ARG HA   H N N 28  
ARG HB2  H N N 29  
ARG HB3  H N N 30  
ARG HG2  H N N 31  
ARG HG3  H N N 32  
ARG HD2  H N N 33  
ARG HD3  H N N 34  
ARG HE   H N N 35  
ARG HH11 H N N 36  
ARG HH12 H N N 37  
ARG HH21 H N N 38  
ARG HH22 H N N 39  
ARG HXT  H N N 40  
ASN N    N N N 41  
ASN CA   C N S 42  
ASN C    C N N 43  
ASN O    O N N 44  
ASN CB   C N N 45  
ASN CG   C N N 46  
ASN OD1  O N N 47  
ASN ND2  N N N 48  
ASN OXT  O N N 49  
ASN H    H N N 50  
ASN H2   H N N 51  
ASN HA   H N N 52  
ASN HB2  H N N 53  
ASN HB3  H N N 54  
ASN HD21 H N N 55  
ASN HD22 H N N 56  
ASN HXT  H N N 57  
ASP N    N N N 58  
ASP CA   C N S 59  
ASP C    C N N 60  
ASP O    O N N 61  
ASP CB   C N N 62  
ASP CG   C N N 63  
ASP OD1  O N N 64  
ASP OD2  O N N 65  
ASP OXT  O N N 66  
ASP H    H N N 67  
ASP H2   H N N 68  
ASP HA   H N N 69  
ASP HB2  H N N 70  
ASP HB3  H N N 71  
ASP HD2  H N N 72  
ASP HXT  H N N 73  
GLN N    N N N 74  
GLN CA   C N S 75  
GLN C    C N N 76  
GLN O    O N N 77  
GLN CB   C N N 78  
GLN CG   C N N 79  
GLN CD   C N N 80  
GLN OE1  O N N 81  
GLN NE2  N N N 82  
GLN OXT  O N N 83  
GLN H    H N N 84  
GLN H2   H N N 85  
GLN HA   H N N 86  
GLN HB2  H N N 87  
GLN HB3  H N N 88  
GLN HG2  H N N 89  
GLN HG3  H N N 90  
GLN HE21 H N N 91  
GLN HE22 H N N 92  
GLN HXT  H N N 93  
GLU N    N N N 94  
GLU CA   C N S 95  
GLU C    C N N 96  
GLU O    O N N 97  
GLU CB   C N N 98  
GLU CG   C N N 99  
GLU CD   C N N 100 
GLU OE1  O N N 101 
GLU OE2  O N N 102 
GLU OXT  O N N 103 
GLU H    H N N 104 
GLU H2   H N N 105 
GLU HA   H N N 106 
GLU HB2  H N N 107 
GLU HB3  H N N 108 
GLU HG2  H N N 109 
GLU HG3  H N N 110 
GLU HE2  H N N 111 
GLU HXT  H N N 112 
GLY N    N N N 113 
GLY CA   C N N 114 
GLY C    C N N 115 
GLY O    O N N 116 
GLY OXT  O N N 117 
GLY H    H N N 118 
GLY H2   H N N 119 
GLY HA2  H N N 120 
GLY HA3  H N N 121 
GLY HXT  H N N 122 
HIS N    N N N 123 
HIS CA   C N S 124 
HIS C    C N N 125 
HIS O    O N N 126 
HIS CB   C N N 127 
HIS CG   C Y N 128 
HIS ND1  N Y N 129 
HIS CD2  C Y N 130 
HIS CE1  C Y N 131 
HIS NE2  N Y N 132 
HIS OXT  O N N 133 
HIS H    H N N 134 
HIS H2   H N N 135 
HIS HA   H N N 136 
HIS HB2  H N N 137 
HIS HB3  H N N 138 
HIS HD1  H N N 139 
HIS HD2  H N N 140 
HIS HE1  H N N 141 
HIS HE2  H N N 142 
HIS HXT  H N N 143 
HOH O    O N N 144 
HOH H1   H N N 145 
HOH H2   H N N 146 
LEU N    N N N 147 
LEU CA   C N S 148 
LEU C    C N N 149 
LEU O    O N N 150 
LEU CB   C N N 151 
LEU CG   C N N 152 
LEU CD1  C N N 153 
LEU CD2  C N N 154 
LEU OXT  O N N 155 
LEU H    H N N 156 
LEU H2   H N N 157 
LEU HA   H N N 158 
LEU HB2  H N N 159 
LEU HB3  H N N 160 
LEU HG   H N N 161 
LEU HD11 H N N 162 
LEU HD12 H N N 163 
LEU HD13 H N N 164 
LEU HD21 H N N 165 
LEU HD22 H N N 166 
LEU HD23 H N N 167 
LEU HXT  H N N 168 
LYS N    N N N 169 
LYS CA   C N S 170 
LYS C    C N N 171 
LYS O    O N N 172 
LYS CB   C N N 173 
LYS CG   C N N 174 
LYS CD   C N N 175 
LYS CE   C N N 176 
LYS NZ   N N N 177 
LYS OXT  O N N 178 
LYS H    H N N 179 
LYS H2   H N N 180 
LYS HA   H N N 181 
LYS HB2  H N N 182 
LYS HB3  H N N 183 
LYS HG2  H N N 184 
LYS HG3  H N N 185 
LYS HD2  H N N 186 
LYS HD3  H N N 187 
LYS HE2  H N N 188 
LYS HE3  H N N 189 
LYS HZ1  H N N 190 
LYS HZ2  H N N 191 
LYS HZ3  H N N 192 
LYS HXT  H N N 193 
MET N    N N N 194 
MET CA   C N S 195 
MET C    C N N 196 
MET O    O N N 197 
MET CB   C N N 198 
MET CG   C N N 199 
MET SD   S N N 200 
MET CE   C N N 201 
MET OXT  O N N 202 
MET H    H N N 203 
MET H2   H N N 204 
MET HA   H N N 205 
MET HB2  H N N 206 
MET HB3  H N N 207 
MET HG2  H N N 208 
MET HG3  H N N 209 
MET HE1  H N N 210 
MET HE2  H N N 211 
MET HE3  H N N 212 
MET HXT  H N N 213 
PHE N    N N N 214 
PHE CA   C N S 215 
PHE C    C N N 216 
PHE O    O N N 217 
PHE CB   C N N 218 
PHE CG   C Y N 219 
PHE CD1  C Y N 220 
PHE CD2  C Y N 221 
PHE CE1  C Y N 222 
PHE CE2  C Y N 223 
PHE CZ   C Y N 224 
PHE OXT  O N N 225 
PHE H    H N N 226 
PHE H2   H N N 227 
PHE HA   H N N 228 
PHE HB2  H N N 229 
PHE HB3  H N N 230 
PHE HD1  H N N 231 
PHE HD2  H N N 232 
PHE HE1  H N N 233 
PHE HE2  H N N 234 
PHE HZ   H N N 235 
PHE HXT  H N N 236 
PRO N    N N N 237 
PRO CA   C N S 238 
PRO C    C N N 239 
PRO O    O N N 240 
PRO CB   C N N 241 
PRO CG   C N N 242 
PRO CD   C N N 243 
PRO OXT  O N N 244 
PRO H    H N N 245 
PRO HA   H N N 246 
PRO HB2  H N N 247 
PRO HB3  H N N 248 
PRO HG2  H N N 249 
PRO HG3  H N N 250 
PRO HD2  H N N 251 
PRO HD3  H N N 252 
PRO HXT  H N N 253 
SER N    N N N 254 
SER CA   C N S 255 
SER C    C N N 256 
SER O    O N N 257 
SER CB   C N N 258 
SER OG   O N N 259 
SER OXT  O N N 260 
SER H    H N N 261 
SER H2   H N N 262 
SER HA   H N N 263 
SER HB2  H N N 264 
SER HB3  H N N 265 
SER HG   H N N 266 
SER HXT  H N N 267 
THR N    N N N 268 
THR CA   C N S 269 
THR C    C N N 270 
THR O    O N N 271 
THR CB   C N R 272 
THR OG1  O N N 273 
THR CG2  C N N 274 
THR OXT  O N N 275 
THR H    H N N 276 
THR H2   H N N 277 
THR HA   H N N 278 
THR HB   H N N 279 
THR HG1  H N N 280 
THR HG21 H N N 281 
THR HG22 H N N 282 
THR HG23 H N N 283 
THR HXT  H N N 284 
TRP N    N N N 285 
TRP CA   C N S 286 
TRP C    C N N 287 
TRP O    O N N 288 
TRP CB   C N N 289 
TRP CG   C Y N 290 
TRP CD1  C Y N 291 
TRP CD2  C Y N 292 
TRP NE1  N Y N 293 
TRP CE2  C Y N 294 
TRP CE3  C Y N 295 
TRP CZ2  C Y N 296 
TRP CZ3  C Y N 297 
TRP CH2  C Y N 298 
TRP OXT  O N N 299 
TRP H    H N N 300 
TRP H2   H N N 301 
TRP HA   H N N 302 
TRP HB2  H N N 303 
TRP HB3  H N N 304 
TRP HD1  H N N 305 
TRP HE1  H N N 306 
TRP HE3  H N N 307 
TRP HZ2  H N N 308 
TRP HZ3  H N N 309 
TRP HH2  H N N 310 
TRP HXT  H N N 311 
VAL N    N N N 312 
VAL CA   C N S 313 
VAL C    C N N 314 
VAL O    O N N 315 
VAL CB   C N N 316 
VAL CG1  C N N 317 
VAL CG2  C N N 318 
VAL OXT  O N N 319 
VAL H    H N N 320 
VAL H2   H N N 321 
VAL HA   H N N 322 
VAL HB   H N N 323 
VAL HG11 H N N 324 
VAL HG12 H N N 325 
VAL HG13 H N N 326 
VAL HG21 H N N 327 
VAL HG22 H N N 328 
VAL HG23 H N N 329 
VAL HXT  H N N 330 
# 
loop_
_chem_comp_bond.comp_id 
_chem_comp_bond.atom_id_1 
_chem_comp_bond.atom_id_2 
_chem_comp_bond.value_order 
_chem_comp_bond.pdbx_aromatic_flag 
_chem_comp_bond.pdbx_stereo_config 
_chem_comp_bond.pdbx_ordinal 
ALA N   CA   sing N N 1   
ALA N   H    sing N N 2   
ALA N   H2   sing N N 3   
ALA CA  C    sing N N 4   
ALA CA  CB   sing N N 5   
ALA CA  HA   sing N N 6   
ALA C   O    doub N N 7   
ALA C   OXT  sing N N 8   
ALA CB  HB1  sing N N 9   
ALA CB  HB2  sing N N 10  
ALA CB  HB3  sing N N 11  
ALA OXT HXT  sing N N 12  
ARG N   CA   sing N N 13  
ARG N   H    sing N N 14  
ARG N   H2   sing N N 15  
ARG CA  C    sing N N 16  
ARG CA  CB   sing N N 17  
ARG CA  HA   sing N N 18  
ARG C   O    doub N N 19  
ARG C   OXT  sing N N 20  
ARG CB  CG   sing N N 21  
ARG CB  HB2  sing N N 22  
ARG CB  HB3  sing N N 23  
ARG CG  CD   sing N N 24  
ARG CG  HG2  sing N N 25  
ARG CG  HG3  sing N N 26  
ARG CD  NE   sing N N 27  
ARG CD  HD2  sing N N 28  
ARG CD  HD3  sing N N 29  
ARG NE  CZ   sing N N 30  
ARG NE  HE   sing N N 31  
ARG CZ  NH1  sing N N 32  
ARG CZ  NH2  doub N N 33  
ARG NH1 HH11 sing N N 34  
ARG NH1 HH12 sing N N 35  
ARG NH2 HH21 sing N N 36  
ARG NH2 HH22 sing N N 37  
ARG OXT HXT  sing N N 38  
ASN N   CA   sing N N 39  
ASN N   H    sing N N 40  
ASN N   H2   sing N N 41  
ASN CA  C    sing N N 42  
ASN CA  CB   sing N N 43  
ASN CA  HA   sing N N 44  
ASN C   O    doub N N 45  
ASN C   OXT  sing N N 46  
ASN CB  CG   sing N N 47  
ASN CB  HB2  sing N N 48  
ASN CB  HB3  sing N N 49  
ASN CG  OD1  doub N N 50  
ASN CG  ND2  sing N N 51  
ASN ND2 HD21 sing N N 52  
ASN ND2 HD22 sing N N 53  
ASN OXT HXT  sing N N 54  
ASP N   CA   sing N N 55  
ASP N   H    sing N N 56  
ASP N   H2   sing N N 57  
ASP CA  C    sing N N 58  
ASP CA  CB   sing N N 59  
ASP CA  HA   sing N N 60  
ASP C   O    doub N N 61  
ASP C   OXT  sing N N 62  
ASP CB  CG   sing N N 63  
ASP CB  HB2  sing N N 64  
ASP CB  HB3  sing N N 65  
ASP CG  OD1  doub N N 66  
ASP CG  OD2  sing N N 67  
ASP OD2 HD2  sing N N 68  
ASP OXT HXT  sing N N 69  
GLN N   CA   sing N N 70  
GLN N   H    sing N N 71  
GLN N   H2   sing N N 72  
GLN CA  C    sing N N 73  
GLN CA  CB   sing N N 74  
GLN CA  HA   sing N N 75  
GLN C   O    doub N N 76  
GLN C   OXT  sing N N 77  
GLN CB  CG   sing N N 78  
GLN CB  HB2  sing N N 79  
GLN CB  HB3  sing N N 80  
GLN CG  CD   sing N N 81  
GLN CG  HG2  sing N N 82  
GLN CG  HG3  sing N N 83  
GLN CD  OE1  doub N N 84  
GLN CD  NE2  sing N N 85  
GLN NE2 HE21 sing N N 86  
GLN NE2 HE22 sing N N 87  
GLN OXT HXT  sing N N 88  
GLU N   CA   sing N N 89  
GLU N   H    sing N N 90  
GLU N   H2   sing N N 91  
GLU CA  C    sing N N 92  
GLU CA  CB   sing N N 93  
GLU CA  HA   sing N N 94  
GLU C   O    doub N N 95  
GLU C   OXT  sing N N 96  
GLU CB  CG   sing N N 97  
GLU CB  HB2  sing N N 98  
GLU CB  HB3  sing N N 99  
GLU CG  CD   sing N N 100 
GLU CG  HG2  sing N N 101 
GLU CG  HG3  sing N N 102 
GLU CD  OE1  doub N N 103 
GLU CD  OE2  sing N N 104 
GLU OE2 HE2  sing N N 105 
GLU OXT HXT  sing N N 106 
GLY N   CA   sing N N 107 
GLY N   H    sing N N 108 
GLY N   H2   sing N N 109 
GLY CA  C    sing N N 110 
GLY CA  HA2  sing N N 111 
GLY CA  HA3  sing N N 112 
GLY C   O    doub N N 113 
GLY C   OXT  sing N N 114 
GLY OXT HXT  sing N N 115 
HIS N   CA   sing N N 116 
HIS N   H    sing N N 117 
HIS N   H2   sing N N 118 
HIS CA  C    sing N N 119 
HIS CA  CB   sing N N 120 
HIS CA  HA   sing N N 121 
HIS C   O    doub N N 122 
HIS C   OXT  sing N N 123 
HIS CB  CG   sing N N 124 
HIS CB  HB2  sing N N 125 
HIS CB  HB3  sing N N 126 
HIS CG  ND1  sing Y N 127 
HIS CG  CD2  doub Y N 128 
HIS ND1 CE1  doub Y N 129 
HIS ND1 HD1  sing N N 130 
HIS CD2 NE2  sing Y N 131 
HIS CD2 HD2  sing N N 132 
HIS CE1 NE2  sing Y N 133 
HIS CE1 HE1  sing N N 134 
HIS NE2 HE2  sing N N 135 
HIS OXT HXT  sing N N 136 
HOH O   H1   sing N N 137 
HOH O   H2   sing N N 138 
LEU N   CA   sing N N 139 
LEU N   H    sing N N 140 
LEU N   H2   sing N N 141 
LEU CA  C    sing N N 142 
LEU CA  CB   sing N N 143 
LEU CA  HA   sing N N 144 
LEU C   O    doub N N 145 
LEU C   OXT  sing N N 146 
LEU CB  CG   sing N N 147 
LEU CB  HB2  sing N N 148 
LEU CB  HB3  sing N N 149 
LEU CG  CD1  sing N N 150 
LEU CG  CD2  sing N N 151 
LEU CG  HG   sing N N 152 
LEU CD1 HD11 sing N N 153 
LEU CD1 HD12 sing N N 154 
LEU CD1 HD13 sing N N 155 
LEU CD2 HD21 sing N N 156 
LEU CD2 HD22 sing N N 157 
LEU CD2 HD23 sing N N 158 
LEU OXT HXT  sing N N 159 
LYS N   CA   sing N N 160 
LYS N   H    sing N N 161 
LYS N   H2   sing N N 162 
LYS CA  C    sing N N 163 
LYS CA  CB   sing N N 164 
LYS CA  HA   sing N N 165 
LYS C   O    doub N N 166 
LYS C   OXT  sing N N 167 
LYS CB  CG   sing N N 168 
LYS CB  HB2  sing N N 169 
LYS CB  HB3  sing N N 170 
LYS CG  CD   sing N N 171 
LYS CG  HG2  sing N N 172 
LYS CG  HG3  sing N N 173 
LYS CD  CE   sing N N 174 
LYS CD  HD2  sing N N 175 
LYS CD  HD3  sing N N 176 
LYS CE  NZ   sing N N 177 
LYS CE  HE2  sing N N 178 
LYS CE  HE3  sing N N 179 
LYS NZ  HZ1  sing N N 180 
LYS NZ  HZ2  sing N N 181 
LYS NZ  HZ3  sing N N 182 
LYS OXT HXT  sing N N 183 
MET N   CA   sing N N 184 
MET N   H    sing N N 185 
MET N   H2   sing N N 186 
MET CA  C    sing N N 187 
MET CA  CB   sing N N 188 
MET CA  HA   sing N N 189 
MET C   O    doub N N 190 
MET C   OXT  sing N N 191 
MET CB  CG   sing N N 192 
MET CB  HB2  sing N N 193 
MET CB  HB3  sing N N 194 
MET CG  SD   sing N N 195 
MET CG  HG2  sing N N 196 
MET CG  HG3  sing N N 197 
MET SD  CE   sing N N 198 
MET CE  HE1  sing N N 199 
MET CE  HE2  sing N N 200 
MET CE  HE3  sing N N 201 
MET OXT HXT  sing N N 202 
PHE N   CA   sing N N 203 
PHE N   H    sing N N 204 
PHE N   H2   sing N N 205 
PHE CA  C    sing N N 206 
PHE CA  CB   sing N N 207 
PHE CA  HA   sing N N 208 
PHE C   O    doub N N 209 
PHE C   OXT  sing N N 210 
PHE CB  CG   sing N N 211 
PHE CB  HB2  sing N N 212 
PHE CB  HB3  sing N N 213 
PHE CG  CD1  doub Y N 214 
PHE CG  CD2  sing Y N 215 
PHE CD1 CE1  sing Y N 216 
PHE CD1 HD1  sing N N 217 
PHE CD2 CE2  doub Y N 218 
PHE CD2 HD2  sing N N 219 
PHE CE1 CZ   doub Y N 220 
PHE CE1 HE1  sing N N 221 
PHE CE2 CZ   sing Y N 222 
PHE CE2 HE2  sing N N 223 
PHE CZ  HZ   sing N N 224 
PHE OXT HXT  sing N N 225 
PRO N   CA   sing N N 226 
PRO N   CD   sing N N 227 
PRO N   H    sing N N 228 
PRO CA  C    sing N N 229 
PRO CA  CB   sing N N 230 
PRO CA  HA   sing N N 231 
PRO C   O    doub N N 232 
PRO C   OXT  sing N N 233 
PRO CB  CG   sing N N 234 
PRO CB  HB2  sing N N 235 
PRO CB  HB3  sing N N 236 
PRO CG  CD   sing N N 237 
PRO CG  HG2  sing N N 238 
PRO CG  HG3  sing N N 239 
PRO CD  HD2  sing N N 240 
PRO CD  HD3  sing N N 241 
PRO OXT HXT  sing N N 242 
SER N   CA   sing N N 243 
SER N   H    sing N N 244 
SER N   H2   sing N N 245 
SER CA  C    sing N N 246 
SER CA  CB   sing N N 247 
SER CA  HA   sing N N 248 
SER C   O    doub N N 249 
SER C   OXT  sing N N 250 
SER CB  OG   sing N N 251 
SER CB  HB2  sing N N 252 
SER CB  HB3  sing N N 253 
SER OG  HG   sing N N 254 
SER OXT HXT  sing N N 255 
THR N   CA   sing N N 256 
THR N   H    sing N N 257 
THR N   H2   sing N N 258 
THR CA  C    sing N N 259 
THR CA  CB   sing N N 260 
THR CA  HA   sing N N 261 
THR C   O    doub N N 262 
THR C   OXT  sing N N 263 
THR CB  OG1  sing N N 264 
THR CB  CG2  sing N N 265 
THR CB  HB   sing N N 266 
THR OG1 HG1  sing N N 267 
THR CG2 HG21 sing N N 268 
THR CG2 HG22 sing N N 269 
THR CG2 HG23 sing N N 270 
THR OXT HXT  sing N N 271 
TRP N   CA   sing N N 272 
TRP N   H    sing N N 273 
TRP N   H2   sing N N 274 
TRP CA  C    sing N N 275 
TRP CA  CB   sing N N 276 
TRP CA  HA   sing N N 277 
TRP C   O    doub N N 278 
TRP C   OXT  sing N N 279 
TRP CB  CG   sing N N 280 
TRP CB  HB2  sing N N 281 
TRP CB  HB3  sing N N 282 
TRP CG  CD1  doub Y N 283 
TRP CG  CD2  sing Y N 284 
TRP CD1 NE1  sing Y N 285 
TRP CD1 HD1  sing N N 286 
TRP CD2 CE2  doub Y N 287 
TRP CD2 CE3  sing Y N 288 
TRP NE1 CE2  sing Y N 289 
TRP NE1 HE1  sing N N 290 
TRP CE2 CZ2  sing Y N 291 
TRP CE3 CZ3  doub Y N 292 
TRP CE3 HE3  sing N N 293 
TRP CZ2 CH2  doub Y N 294 
TRP CZ2 HZ2  sing N N 295 
TRP CZ3 CH2  sing Y N 296 
TRP CZ3 HZ3  sing N N 297 
TRP CH2 HH2  sing N N 298 
TRP OXT HXT  sing N N 299 
VAL N   CA   sing N N 300 
VAL N   H    sing N N 301 
VAL N   H2   sing N N 302 
VAL CA  C    sing N N 303 
VAL CA  CB   sing N N 304 
VAL CA  HA   sing N N 305 
VAL C   O    doub N N 306 
VAL C   OXT  sing N N 307 
VAL CB  CG1  sing N N 308 
VAL CB  CG2  sing N N 309 
VAL CB  HB   sing N N 310 
VAL CG1 HG11 sing N N 311 
VAL CG1 HG12 sing N N 312 
VAL CG1 HG13 sing N N 313 
VAL CG2 HG21 sing N N 314 
VAL CG2 HG22 sing N N 315 
VAL CG2 HG23 sing N N 316 
VAL OXT HXT  sing N N 317 
# 
_pdbx_entity_nonpoly.entity_id   2 
_pdbx_entity_nonpoly.name        water 
_pdbx_entity_nonpoly.comp_id     HOH 
# 
_pdbx_initial_refinement_model.id               1 
_pdbx_initial_refinement_model.entity_id_list   ? 
_pdbx_initial_refinement_model.type             'experimental model' 
_pdbx_initial_refinement_model.source_name      PDB 
_pdbx_initial_refinement_model.accession_code   1YU5 
_pdbx_initial_refinement_model.details          'CRYSTAL STRUCTURE OF HP67, PDB ID: 1YU5' 
# 
